data_4MK0
#
_entry.id   4MK0
#
_cell.length_a   61.222
_cell.length_b   240.973
_cell.length_c   212.083
_cell.angle_alpha   90.00
_cell.angle_beta   90.00
_cell.angle_gamma   90.00
#
_symmetry.space_group_name_H-M   'C 2 2 21'
#
loop_
_entity.id
_entity.type
_entity.pdbx_description
1 polymer 'Beta-adrenergic receptor kinase 1'
2 polymer 'Guanine nucleotide-binding protein G(I)/G(S)/G(T) subunit beta-1'
3 polymer 'Guanine nucleotide-binding protein G(I)/G(S)/G(O) subunit gamma-2'
4 non-polymer GLYCEROL
5 non-polymer 5-{[(3S,4R)-4-(4-fluorophenyl)piperidin-3-yl]methoxy}-1H-isoindol-1-one
6 water water
#
loop_
_entity_poly.entity_id
_entity_poly.type
_entity_poly.pdbx_seq_one_letter_code
_entity_poly.pdbx_strand_id
1 'polypeptide(L)'
;KKILLPEPSIRSVMQKYLEDRGEVTFEKIFSQKLGYLLFRDFCLNHLEEARPLVEFYEEIKKYEKLETEEERVARSREIF
DSYIMKELLACSHPFSKSATEHVQGHLGKKQVPPDLFQPYIEEICQNLRGDVFQKFIESDKFTRFCQWKNVELNIHLTMN
DFSVHRIIGRGGFGEVYGCRKADTGKMYAMKCLDKKRIKMKQGETLALNERIMLSLVSTGDCPFIVCMSYAFHTPDKLSF
ILDLMNGGDLHYHLSQHGVFSEADMRFYAAEIILGLEHMHNRFVVYRDLKPANILLDEHGHVRISDLGLACDFSKKKPHA
SVGTHGYMAPEVLQKGVAYDSSADWFSLGCMLFKLLRGHSPFRQHKTKDKHEIDRMTLTMAVELPDSFSPELRSLLEGLL
QRDVNRRLGCLGRGAQEVKESPFFRSLDWQMVFLQKYPPPLIPPRGEVNAADAFDIGSFDEEDTKGIKLLDSDQELYRNF
PLTISERWQQEVAETVFDTINAETDRLEARKKAKNKQLGHEEDYALGKDCIMHGYMSKMGNPFLTQWQRRYFYLFPNRLE
WRGEGEAPQSLLTMEEIQSVEETQIKERKCLLLKIRGGKQFILQCDSDPELVQWKKELRDAYREAQQLVQRVPKMKNKPA
;
A
2 'polypeptide(L)'
;SELDQLRQEAEQLKNQIRDARKACADATLSQITNNIDPVGRIQMRTRRTLRGHLAKIYAMHWGTDSRLLVSASQDGKLII
WDSYTTNKVHAIPLRSSWVMTCAYAPSGNYVACGGLDNICSIYNLKTREGNVRVSRELAGHTGYLSCCRFLDDNQIVTSS
GDTTCALWDIETGQQTTTFTGHTGDVMSLSLAPDTRLFVSGACDASAKLWDVREGMCRQTFTGHESDINAICFFPNGNAF
ATGSDDATCRLFDLRADQELMTYSHDNIICGITSVSFSKSGRLLLAGYDDFNCNVWDALKADRAGVLAGHDNRVSCLGVT
DDGMAVATGSWDSFLKIWN
;
B
3 'polypeptide(L)' TASIAQARKLVEQLKMEANIDRIKVSKAAADLMAYCEAHAKEDPLLTPVPASENPFREK G
#
loop_
_chem_comp.id
_chem_comp.type
_chem_comp.name
_chem_comp.formula
29X non-polymer 5-{[(3S,4R)-4-(4-fluorophenyl)piperidin-3-yl]methoxy}-1H-isoindol-1-one 'C20 H19 F N2 O2'
GOL non-polymer GLYCEROL 'C3 H8 O3'
#
# COMPACT_ATOMS: atom_id res chain seq x y z
N LYS A 1 -25.04 -20.31 1.47
CA LYS A 1 -24.06 -19.69 0.52
C LYS A 1 -23.04 -18.82 1.27
N LYS A 2 -22.13 -19.51 1.95
CA LYS A 2 -21.35 -18.96 3.06
C LYS A 2 -20.32 -17.87 2.73
N ILE A 3 -19.66 -17.41 3.78
CA ILE A 3 -18.52 -16.51 3.65
C ILE A 3 -17.29 -17.34 3.31
N LEU A 4 -16.57 -16.91 2.29
CA LEU A 4 -15.29 -17.52 1.93
C LEU A 4 -14.19 -16.52 2.15
N LEU A 5 -13.26 -16.85 3.02
CA LEU A 5 -12.16 -15.96 3.33
C LEU A 5 -11.15 -16.00 2.20
N PRO A 6 -10.54 -14.85 1.88
CA PRO A 6 -9.49 -14.83 0.89
C PRO A 6 -8.23 -15.52 1.40
N GLU A 7 -7.28 -15.77 0.50
CA GLU A 7 -6.06 -16.48 0.87
C GLU A 7 -5.19 -15.58 1.74
N PRO A 8 -4.32 -16.18 2.55
CA PRO A 8 -3.44 -15.42 3.42
C PRO A 8 -2.57 -14.39 2.68
N SER A 9 -2.27 -14.66 1.41
CA SER A 9 -1.54 -13.74 0.53
C SER A 9 -2.19 -12.35 0.38
N ILE A 10 -3.45 -12.26 0.77
CA ILE A 10 -4.20 -11.00 0.80
C ILE A 10 -3.59 -9.93 1.72
N ARG A 11 -2.79 -10.37 2.69
CA ARG A 11 -2.21 -9.46 3.67
C ARG A 11 -1.34 -8.34 3.08
N SER A 12 -0.49 -8.69 2.12
CA SER A 12 0.42 -7.73 1.49
C SER A 12 -0.31 -6.46 1.05
N VAL A 13 -1.45 -6.69 0.41
CA VAL A 13 -2.28 -5.61 -0.10
C VAL A 13 -3.04 -4.94 1.05
N MET A 14 -3.72 -5.74 1.86
CA MET A 14 -4.56 -5.20 2.93
C MET A 14 -3.77 -4.43 3.96
N GLN A 15 -2.63 -4.99 4.36
CA GLN A 15 -1.81 -4.37 5.37
C GLN A 15 -1.45 -2.96 4.96
N LYS A 16 -1.13 -2.76 3.68
CA LYS A 16 -0.84 -1.44 3.15
C LYS A 16 -2.12 -0.60 3.08
N TYR A 17 -3.21 -1.23 2.67
CA TYR A 17 -4.50 -0.53 2.54
C TYR A 17 -4.94 0.09 3.85
N LEU A 18 -4.76 -0.67 4.93
CA LEU A 18 -5.11 -0.21 6.27
C LEU A 18 -4.06 0.78 6.79
N GLU A 19 -2.79 0.45 6.55
CA GLU A 19 -1.65 1.30 6.92
C GLU A 19 -1.82 2.74 6.41
N ASP A 20 -2.46 2.88 5.25
CA ASP A 20 -2.65 4.19 4.62
C ASP A 20 -3.70 5.05 5.33
N ARG A 21 -4.56 4.40 6.11
CA ARG A 21 -5.61 5.10 6.85
C ARG A 21 -5.30 5.21 8.35
N GLY A 22 -4.11 4.78 8.76
CA GLY A 22 -3.74 4.73 10.17
C GLY A 22 -4.58 3.75 10.99
N GLU A 23 -5.20 2.77 10.31
CA GLU A 23 -6.11 1.81 10.96
C GLU A 23 -5.38 0.61 11.56
N VAL A 24 -4.05 0.65 11.54
CA VAL A 24 -3.25 -0.39 12.20
C VAL A 24 -2.60 0.23 13.42
N THR A 25 -3.41 0.43 14.44
CA THR A 25 -2.94 0.74 15.76
C THR A 25 -3.71 -0.14 16.70
N PHE A 26 -3.14 -0.38 17.88
CA PHE A 26 -3.81 -1.16 18.93
C PHE A 26 -5.22 -0.62 19.14
N GLU A 27 -5.29 0.65 19.55
CA GLU A 27 -6.54 1.38 19.70
C GLU A 27 -7.62 0.92 18.71
N LYS A 28 -7.32 0.96 17.41
CA LYS A 28 -8.33 0.77 16.36
C LYS A 28 -8.80 -0.65 16.22
N ILE A 29 -7.87 -1.61 16.36
CA ILE A 29 -8.20 -3.01 16.13
C ILE A 29 -8.71 -3.70 17.38
N PHE A 30 -8.21 -3.24 18.52
CA PHE A 30 -8.62 -3.75 19.83
C PHE A 30 -10.08 -3.38 20.13
N SER A 31 -10.48 -2.20 19.68
CA SER A 31 -11.87 -1.75 19.81
C SER A 31 -12.76 -2.14 18.59
N GLN A 32 -12.43 -3.27 17.96
CA GLN A 32 -13.27 -3.91 16.94
C GLN A 32 -13.52 -5.30 17.44
N LYS A 33 -14.69 -5.86 17.13
CA LYS A 33 -15.05 -7.16 17.69
C LYS A 33 -14.10 -8.26 17.21
N LEU A 34 -14.05 -8.46 15.89
CA LEU A 34 -13.25 -9.52 15.30
C LEU A 34 -11.75 -9.28 15.57
N GLY A 35 -11.37 -8.01 15.54
CA GLY A 35 -10.01 -7.62 15.86
C GLY A 35 -9.66 -8.04 17.27
N TYR A 36 -10.47 -7.60 18.23
CA TYR A 36 -10.30 -8.00 19.63
C TYR A 36 -10.28 -9.51 19.76
N LEU A 37 -11.27 -10.16 19.18
CA LEU A 37 -11.34 -11.60 19.25
C LEU A 37 -10.02 -12.25 18.83
N LEU A 38 -9.44 -11.75 17.75
CA LEU A 38 -8.18 -12.30 17.25
C LEU A 38 -6.99 -11.89 18.11
N PHE A 39 -6.98 -10.64 18.58
CA PHE A 39 -5.91 -10.16 19.45
C PHE A 39 -5.76 -10.94 20.75
N ARG A 40 -6.88 -11.35 21.34
CA ARG A 40 -6.81 -12.15 22.54
C ARG A 40 -6.41 -13.58 22.21
N ASP A 41 -6.87 -14.11 21.08
CA ASP A 41 -6.49 -15.46 20.67
C ASP A 41 -4.97 -15.56 20.60
N PHE A 42 -4.36 -14.54 20.03
CA PHE A 42 -2.91 -14.41 20.01
C PHE A 42 -2.34 -14.42 21.43
N CYS A 43 -2.79 -13.47 22.25
CA CYS A 43 -2.26 -13.29 23.60
C CYS A 43 -2.50 -14.49 24.50
N LEU A 44 -3.64 -15.15 24.34
CA LEU A 44 -4.05 -16.18 25.29
C LEU A 44 -3.55 -17.57 24.93
N ASN A 45 -3.21 -17.79 23.67
CA ASN A 45 -2.73 -19.10 23.22
C ASN A 45 -1.28 -19.04 22.73
N HIS A 46 -1.02 -18.13 21.80
CA HIS A 46 0.25 -18.07 21.10
C HIS A 46 1.22 -17.08 21.75
N LEU A 47 1.02 -16.78 23.03
CA LEU A 47 1.97 -15.94 23.77
C LEU A 47 1.80 -16.12 25.28
N GLU A 48 2.90 -15.92 26.00
CA GLU A 48 2.90 -16.04 27.45
C GLU A 48 3.17 -14.73 28.19
N GLU A 49 3.83 -13.77 27.55
CA GLU A 49 4.02 -12.46 28.17
C GLU A 49 2.67 -11.78 28.37
N ALA A 50 1.77 -11.96 27.41
CA ALA A 50 0.51 -11.22 27.37
C ALA A 50 -0.68 -11.98 27.95
N ARG A 51 -0.63 -13.31 27.90
CA ARG A 51 -1.72 -14.14 28.45
C ARG A 51 -2.32 -13.57 29.75
N PRO A 52 -1.49 -13.41 30.81
CA PRO A 52 -2.05 -12.89 32.06
C PRO A 52 -2.68 -11.50 31.94
N LEU A 53 -2.01 -10.60 31.21
CA LEU A 53 -2.54 -9.25 31.00
C LEU A 53 -3.96 -9.23 30.42
N VAL A 54 -4.26 -10.16 29.52
CA VAL A 54 -5.57 -10.20 28.89
C VAL A 54 -6.59 -10.89 29.78
N GLU A 55 -6.20 -11.98 30.42
CA GLU A 55 -7.06 -12.62 31.40
C GLU A 55 -7.56 -11.61 32.43
N PHE A 56 -6.62 -10.81 32.94
CA PHE A 56 -6.93 -9.76 33.89
C PHE A 56 -7.86 -8.73 33.28
N TYR A 57 -7.57 -8.32 32.04
CA TYR A 57 -8.48 -7.44 31.32
C TYR A 57 -9.90 -8.00 31.36
N GLU A 58 -10.04 -9.28 31.02
CA GLU A 58 -11.36 -9.88 30.85
C GLU A 58 -12.12 -10.06 32.15
N GLU A 59 -11.52 -10.76 33.11
CA GLU A 59 -12.17 -10.95 34.40
C GLU A 59 -12.76 -9.65 34.93
N ILE A 60 -12.12 -8.53 34.62
CA ILE A 60 -12.65 -7.23 34.97
C ILE A 60 -13.88 -6.94 34.14
N LYS A 61 -13.77 -7.10 32.84
CA LYS A 61 -14.90 -6.87 31.94
C LYS A 61 -16.12 -7.70 32.35
N LYS A 62 -15.88 -8.88 32.90
CA LYS A 62 -16.94 -9.70 33.46
C LYS A 62 -17.48 -9.07 34.75
N TYR A 63 -16.57 -8.60 35.58
CA TYR A 63 -16.90 -7.93 36.85
C TYR A 63 -17.79 -6.71 36.64
N GLU A 64 -17.60 -6.02 35.54
CA GLU A 64 -18.44 -4.88 35.20
C GLU A 64 -19.90 -5.30 35.01
N LYS A 65 -20.11 -6.49 34.47
CA LYS A 65 -21.46 -7.00 34.15
C LYS A 65 -22.17 -7.73 35.29
N LEU A 66 -21.55 -7.76 36.48
CA LEU A 66 -22.18 -8.42 37.62
C LEU A 66 -23.42 -7.64 38.04
N GLU A 67 -24.50 -8.38 38.32
CA GLU A 67 -25.82 -7.77 38.47
C GLU A 67 -26.13 -7.24 39.87
N THR A 68 -25.24 -7.47 40.83
CA THR A 68 -25.47 -7.04 42.22
C THR A 68 -24.20 -6.61 42.97
N GLU A 69 -24.40 -5.78 44.00
CA GLU A 69 -23.32 -5.41 44.91
C GLU A 69 -22.84 -6.64 45.70
N GLU A 70 -23.77 -7.55 45.99
CA GLU A 70 -23.45 -8.79 46.71
C GLU A 70 -22.47 -9.66 45.89
N GLU A 71 -22.71 -9.76 44.58
CA GLU A 71 -21.80 -10.49 43.68
C GLU A 71 -20.44 -9.80 43.57
N ARG A 72 -20.46 -8.47 43.55
CA ARG A 72 -19.26 -7.67 43.37
C ARG A 72 -18.31 -7.78 44.55
N VAL A 73 -18.86 -7.68 45.76
CA VAL A 73 -18.04 -7.82 46.95
C VAL A 73 -17.18 -9.07 46.81
N ALA A 74 -17.84 -10.19 46.50
CA ALA A 74 -17.17 -11.49 46.40
C ALA A 74 -16.13 -11.52 45.29
N ARG A 75 -16.55 -11.21 44.06
CA ARG A 75 -15.66 -11.29 42.90
C ARG A 75 -14.47 -10.33 42.97
N SER A 76 -14.67 -9.18 43.63
CA SER A 76 -13.60 -8.19 43.77
C SER A 76 -12.42 -8.74 44.57
N ARG A 77 -12.72 -9.27 45.74
CA ARG A 77 -11.69 -9.85 46.58
C ARG A 77 -11.00 -10.99 45.84
N GLU A 78 -11.76 -11.74 45.05
CA GLU A 78 -11.21 -12.83 44.24
C GLU A 78 -10.23 -12.33 43.18
N ILE A 79 -10.68 -11.36 42.39
CA ILE A 79 -9.87 -10.77 41.33
C ILE A 79 -8.61 -10.12 41.89
N PHE A 80 -8.75 -9.39 42.99
CA PHE A 80 -7.61 -8.75 43.62
C PHE A 80 -6.56 -9.76 44.07
N ASP A 81 -6.99 -10.78 44.80
CA ASP A 81 -6.09 -11.81 45.26
C ASP A 81 -5.43 -12.47 44.06
N SER A 82 -6.26 -13.08 43.23
CA SER A 82 -5.78 -13.84 42.08
C SER A 82 -4.79 -13.07 41.20
N TYR A 83 -5.16 -11.87 40.78
CA TYR A 83 -4.38 -11.17 39.76
C TYR A 83 -3.48 -10.08 40.29
N ILE A 84 -3.88 -9.41 41.36
CA ILE A 84 -3.09 -8.30 41.90
C ILE A 84 -2.15 -8.75 43.03
N MET A 85 -2.70 -9.34 44.08
CA MET A 85 -1.93 -9.63 45.28
C MET A 85 -0.85 -10.70 45.09
N LYS A 86 -1.16 -11.77 44.36
CA LYS A 86 -0.21 -12.87 44.16
C LYS A 86 1.10 -12.34 43.58
N GLU A 87 0.99 -11.64 42.45
CA GLU A 87 2.14 -11.04 41.78
C GLU A 87 2.82 -10.02 42.68
N LEU A 88 2.03 -9.25 43.43
CA LEU A 88 2.57 -8.25 44.33
C LEU A 88 3.39 -8.90 45.43
N LEU A 89 2.87 -9.99 45.99
CA LEU A 89 3.56 -10.71 47.04
C LEU A 89 4.95 -11.13 46.58
N ALA A 90 5.03 -11.65 45.36
CA ALA A 90 6.31 -12.08 44.79
C ALA A 90 7.22 -10.88 44.56
N CYS A 91 6.61 -9.74 44.24
CA CYS A 91 7.38 -8.49 44.01
C CYS A 91 7.40 -8.01 42.53
N SER A 92 7.02 -8.87 41.59
CA SER A 92 7.12 -8.53 40.17
C SER A 92 5.87 -7.82 39.65
N HIS A 93 5.48 -6.75 40.30
CA HIS A 93 4.26 -6.05 39.90
C HIS A 93 4.51 -5.14 38.70
N PRO A 94 3.66 -5.26 37.67
CA PRO A 94 3.84 -4.46 36.47
C PRO A 94 2.93 -3.22 36.37
N PHE A 95 2.50 -2.67 37.51
CA PHE A 95 1.58 -1.52 37.49
C PHE A 95 2.01 -0.39 38.42
N SER A 96 1.48 0.80 38.16
CA SER A 96 1.93 2.03 38.80
C SER A 96 1.59 2.11 40.27
N LYS A 97 2.23 3.07 40.93
CA LYS A 97 1.98 3.35 42.33
C LYS A 97 0.50 3.64 42.59
N SER A 98 -0.04 4.64 41.92
CA SER A 98 -1.37 5.15 42.26
C SER A 98 -2.45 4.13 41.93
N ALA A 99 -2.31 3.46 40.78
CA ALA A 99 -3.30 2.51 40.30
C ALA A 99 -3.71 1.46 41.34
N THR A 100 -2.73 0.86 42.00
CA THR A 100 -2.99 -0.17 42.99
C THR A 100 -3.60 0.40 44.26
N GLU A 101 -3.12 1.59 44.65
CA GLU A 101 -3.58 2.28 45.83
C GLU A 101 -5.05 2.68 45.71
N HIS A 102 -5.42 3.14 44.52
CA HIS A 102 -6.82 3.50 44.21
C HIS A 102 -7.80 2.37 44.52
N VAL A 103 -7.45 1.16 44.14
CA VAL A 103 -8.37 0.03 44.27
C VAL A 103 -8.43 -0.47 45.70
N GLN A 104 -7.28 -0.79 46.27
CA GLN A 104 -7.20 -1.42 47.58
C GLN A 104 -7.95 -0.62 48.66
N GLY A 105 -7.96 0.70 48.52
CA GLY A 105 -8.69 1.57 49.44
C GLY A 105 -10.19 1.31 49.44
N HIS A 106 -10.77 1.19 48.24
CA HIS A 106 -12.21 0.93 48.10
C HIS A 106 -12.61 -0.47 48.55
N LEU A 107 -11.66 -1.39 48.57
CA LEU A 107 -11.90 -2.77 49.00
C LEU A 107 -12.03 -2.91 50.53
N GLY A 108 -11.21 -2.16 51.27
CA GLY A 108 -11.30 -2.14 52.73
C GLY A 108 -12.57 -1.46 53.25
N LYS A 109 -13.41 -0.98 52.32
CA LYS A 109 -14.65 -0.28 52.65
C LYS A 109 -15.91 -0.92 52.04
N LYS A 110 -15.78 -2.14 51.51
CA LYS A 110 -16.91 -2.89 50.91
C LYS A 110 -17.90 -2.02 50.10
N GLN A 111 -17.37 -1.10 49.31
CA GLN A 111 -18.15 -0.28 48.38
C GLN A 111 -17.59 -0.52 46.98
N VAL A 112 -18.25 -1.42 46.25
CA VAL A 112 -17.69 -1.99 45.03
C VAL A 112 -18.54 -1.72 43.79
N PRO A 113 -18.48 -0.48 43.27
CA PRO A 113 -19.15 -0.20 42.01
C PRO A 113 -18.44 -0.91 40.88
N PRO A 114 -19.13 -1.18 39.76
CA PRO A 114 -18.53 -1.94 38.65
C PRO A 114 -17.46 -1.17 37.84
N ASP A 115 -16.74 -0.26 38.49
CA ASP A 115 -15.75 0.60 37.82
C ASP A 115 -14.40 0.71 38.55
N LEU A 116 -14.28 0.13 39.75
CA LEU A 116 -13.09 0.30 40.59
C LEU A 116 -11.78 -0.02 39.88
N PHE A 117 -11.84 -0.96 38.94
CA PHE A 117 -10.66 -1.39 38.18
C PHE A 117 -10.44 -0.62 36.88
N GLN A 118 -11.06 0.56 36.75
CA GLN A 118 -10.88 1.36 35.54
C GLN A 118 -9.42 1.82 35.36
N PRO A 119 -8.78 2.29 36.44
CA PRO A 119 -7.35 2.66 36.32
C PRO A 119 -6.43 1.52 35.88
N TYR A 120 -6.82 0.27 36.15
CA TYR A 120 -6.03 -0.88 35.71
C TYR A 120 -6.22 -1.13 34.23
N ILE A 121 -7.46 -1.00 33.76
CA ILE A 121 -7.76 -1.22 32.35
C ILE A 121 -6.87 -0.36 31.46
N GLU A 122 -6.72 0.91 31.81
CA GLU A 122 -5.92 1.82 31.01
C GLU A 122 -4.45 1.43 31.03
N GLU A 123 -3.98 0.96 32.18
CA GLU A 123 -2.58 0.55 32.32
C GLU A 123 -2.32 -0.87 31.84
N ILE A 124 -3.38 -1.65 31.64
CA ILE A 124 -3.26 -2.92 30.92
C ILE A 124 -3.06 -2.58 29.45
N CYS A 125 -3.83 -1.62 28.96
CA CYS A 125 -3.74 -1.19 27.57
C CYS A 125 -2.42 -0.48 27.26
N GLN A 126 -1.84 0.19 28.25
CA GLN A 126 -0.47 0.69 28.11
C GLN A 126 0.47 -0.48 27.83
N ASN A 127 0.41 -1.49 28.71
CA ASN A 127 1.28 -2.67 28.60
C ASN A 127 1.08 -3.49 27.33
N LEU A 128 -0.10 -3.40 26.72
CA LEU A 128 -0.42 -4.15 25.49
C LEU A 128 -0.15 -3.36 24.22
N ARG A 129 -0.39 -2.05 24.27
CA ARG A 129 -0.17 -1.19 23.12
C ARG A 129 1.32 -1.15 22.79
N GLY A 130 1.65 -1.26 21.50
CA GLY A 130 3.05 -1.23 21.06
C GLY A 130 3.76 -2.56 21.16
N ASP A 131 4.74 -2.65 22.06
CA ASP A 131 5.64 -3.81 22.13
C ASP A 131 4.97 -5.15 21.82
N VAL A 132 3.80 -5.38 22.40
CA VAL A 132 3.04 -6.63 22.19
C VAL A 132 2.12 -6.56 20.96
N PHE A 133 1.59 -5.38 20.68
CA PHE A 133 0.85 -5.15 19.45
C PHE A 133 1.74 -5.51 18.26
N GLN A 134 3.01 -5.12 18.33
CA GLN A 134 3.97 -5.41 17.27
C GLN A 134 4.03 -6.90 16.98
N LYS A 135 4.16 -7.70 18.01
CA LYS A 135 4.33 -9.13 17.83
C LYS A 135 3.05 -9.73 17.23
N PHE A 136 1.91 -9.16 17.59
CA PHE A 136 0.61 -9.60 17.07
C PHE A 136 0.49 -9.29 15.58
N ILE A 137 0.83 -8.06 15.22
CA ILE A 137 0.86 -7.65 13.82
C ILE A 137 1.70 -8.64 13.01
N GLU A 138 2.90 -8.93 13.51
CA GLU A 138 3.82 -9.85 12.84
C GLU A 138 3.32 -11.30 12.80
N SER A 139 2.31 -11.61 13.64
CA SER A 139 1.71 -12.94 13.67
C SER A 139 0.61 -13.08 12.64
N ASP A 140 0.26 -14.32 12.33
CA ASP A 140 -0.76 -14.62 11.33
C ASP A 140 -2.20 -14.47 11.86
N LYS A 141 -2.33 -13.97 13.07
CA LYS A 141 -3.64 -13.56 13.58
C LYS A 141 -4.01 -12.24 12.94
N PHE A 142 -3.01 -11.37 12.75
CA PHE A 142 -3.23 -10.14 12.03
C PHE A 142 -3.55 -10.41 10.57
N THR A 143 -2.90 -11.42 10.02
CA THR A 143 -3.23 -11.94 8.70
C THR A 143 -4.69 -12.39 8.66
N ARG A 144 -5.11 -13.13 9.68
CA ARG A 144 -6.49 -13.58 9.74
C ARG A 144 -7.39 -12.37 9.84
N PHE A 145 -6.95 -11.35 10.57
CA PHE A 145 -7.69 -10.11 10.68
C PHE A 145 -7.79 -9.45 9.32
N CYS A 146 -6.69 -9.41 8.58
CA CYS A 146 -6.70 -8.84 7.24
C CYS A 146 -7.63 -9.60 6.28
N GLN A 147 -7.87 -10.88 6.55
CA GLN A 147 -8.73 -11.69 5.71
C GLN A 147 -10.20 -11.30 5.94
N TRP A 148 -10.61 -11.19 7.19
CA TRP A 148 -11.96 -10.76 7.49
C TRP A 148 -12.18 -9.32 7.05
N LYS A 149 -11.21 -8.47 7.34
CA LYS A 149 -11.36 -7.05 7.02
C LYS A 149 -11.56 -6.85 5.53
N ASN A 150 -11.02 -7.76 4.73
CA ASN A 150 -11.17 -7.74 3.27
C ASN A 150 -12.60 -8.05 2.88
N VAL A 151 -13.18 -9.03 3.58
CA VAL A 151 -14.57 -9.40 3.34
C VAL A 151 -15.49 -8.25 3.77
N GLU A 152 -15.15 -7.63 4.89
CA GLU A 152 -15.91 -6.50 5.39
C GLU A 152 -15.97 -5.36 4.38
N LEU A 153 -14.83 -5.08 3.76
CA LEU A 153 -14.70 -3.92 2.90
C LEU A 153 -15.07 -4.23 1.46
N ASN A 154 -15.54 -5.45 1.22
CA ASN A 154 -15.92 -5.88 -0.11
C ASN A 154 -17.39 -6.30 -0.15
N ILE A 155 -18.19 -5.76 0.76
CA ILE A 155 -19.62 -6.05 0.80
C ILE A 155 -20.34 -5.20 -0.21
N HIS A 156 -21.07 -5.86 -1.12
CA HIS A 156 -22.04 -5.17 -1.98
C HIS A 156 -23.30 -6.00 -2.01
N LEU A 157 -24.22 -5.66 -1.12
CA LEU A 157 -25.41 -6.46 -0.93
C LEU A 157 -26.38 -6.33 -2.08
N THR A 158 -27.16 -7.39 -2.25
CA THR A 158 -28.29 -7.40 -3.17
C THR A 158 -29.40 -8.25 -2.55
N MET A 159 -30.56 -8.28 -3.21
CA MET A 159 -31.71 -9.08 -2.75
C MET A 159 -31.38 -10.57 -2.65
N ASN A 160 -30.45 -11.01 -3.50
CA ASN A 160 -30.11 -12.41 -3.61
C ASN A 160 -29.30 -12.92 -2.43
N ASP A 161 -28.77 -11.97 -1.64
CA ASP A 161 -28.07 -12.26 -0.39
C ASP A 161 -29.04 -12.54 0.76
N PHE A 162 -30.34 -12.36 0.48
CA PHE A 162 -31.40 -12.57 1.44
C PHE A 162 -32.40 -13.62 1.00
N SER A 163 -32.68 -14.51 1.93
CA SER A 163 -33.81 -15.39 1.84
C SER A 163 -34.96 -14.58 2.42
N VAL A 164 -35.86 -14.09 1.55
CA VAL A 164 -36.97 -13.24 2.00
C VAL A 164 -38.26 -14.03 2.21
N HIS A 165 -38.91 -13.78 3.34
CA HIS A 165 -40.12 -14.49 3.73
C HIS A 165 -41.32 -13.53 3.77
N ARG A 166 -42.26 -13.77 4.68
CA ARG A 166 -43.56 -13.09 4.66
C ARG A 166 -43.46 -11.60 4.96
N ILE A 167 -44.56 -10.91 4.70
CA ILE A 167 -44.65 -9.47 4.84
C ILE A 167 -45.11 -9.20 6.26
N ILE A 168 -44.45 -8.26 6.92
CA ILE A 168 -44.75 -7.99 8.34
C ILE A 168 -45.03 -6.50 8.63
N GLY A 169 -45.13 -5.69 7.57
CA GLY A 169 -45.41 -4.25 7.70
C GLY A 169 -45.88 -3.69 6.36
N ARG A 170 -46.67 -2.61 6.41
CA ARG A 170 -47.14 -1.93 5.20
C ARG A 170 -47.21 -0.43 5.45
N GLY A 171 -46.31 0.32 4.80
CA GLY A 171 -46.26 1.78 4.92
C GLY A 171 -46.60 2.42 3.59
N GLY A 172 -46.90 3.71 3.61
CA GLY A 172 -47.33 4.41 2.40
C GLY A 172 -46.33 4.27 1.26
N PHE A 173 -45.04 4.33 1.61
CA PHE A 173 -43.97 4.32 0.63
C PHE A 173 -43.46 2.91 0.33
N GLY A 174 -43.49 2.03 1.32
CA GLY A 174 -42.95 0.68 1.13
C GLY A 174 -43.52 -0.40 2.03
N GLU A 175 -42.82 -1.53 2.10
CA GLU A 175 -43.24 -2.69 2.89
C GLU A 175 -42.07 -3.25 3.69
N VAL A 176 -42.38 -3.99 4.74
CA VAL A 176 -41.35 -4.66 5.51
C VAL A 176 -41.53 -6.18 5.46
N TYR A 177 -40.43 -6.86 5.24
CA TYR A 177 -40.40 -8.30 5.12
C TYR A 177 -39.47 -8.89 6.16
N GLY A 178 -39.89 -10.01 6.72
CA GLY A 178 -38.98 -10.90 7.40
C GLY A 178 -38.07 -11.54 6.37
N CYS A 179 -36.78 -11.57 6.68
CA CYS A 179 -35.77 -12.14 5.80
C CYS A 179 -34.61 -12.69 6.62
N ARG A 180 -33.88 -13.61 6.01
CA ARG A 180 -32.68 -14.19 6.58
C ARG A 180 -31.53 -13.88 5.63
N LYS A 181 -30.41 -13.43 6.20
CA LYS A 181 -29.20 -13.19 5.42
C LYS A 181 -28.49 -14.53 5.27
N ALA A 182 -28.54 -15.10 4.06
CA ALA A 182 -28.11 -16.48 3.81
C ALA A 182 -26.69 -16.75 4.30
N ASP A 183 -25.78 -15.90 3.81
CA ASP A 183 -24.44 -15.64 4.34
C ASP A 183 -24.11 -16.21 5.75
N THR A 184 -24.74 -15.63 6.77
CA THR A 184 -24.55 -16.03 8.18
C THR A 184 -25.76 -16.71 8.82
N GLY A 185 -26.93 -16.59 8.18
CA GLY A 185 -28.19 -17.13 8.71
C GLY A 185 -28.90 -16.23 9.72
N LYS A 186 -28.65 -14.93 9.65
CA LYS A 186 -29.19 -13.98 10.62
C LYS A 186 -30.57 -13.52 10.20
N MET A 187 -31.49 -13.48 11.16
CA MET A 187 -32.85 -13.01 10.92
C MET A 187 -32.90 -11.49 11.00
N TYR A 188 -33.50 -10.89 9.98
CA TYR A 188 -33.60 -9.45 9.88
C TYR A 188 -34.96 -9.03 9.34
N ALA A 189 -35.21 -7.72 9.43
CA ALA A 189 -36.35 -7.10 8.78
C ALA A 189 -35.82 -6.33 7.58
N MET A 190 -36.44 -6.50 6.43
CA MET A 190 -36.06 -5.77 5.24
C MET A 190 -37.15 -4.78 4.89
N LYS A 191 -36.77 -3.50 4.80
CA LYS A 191 -37.72 -2.44 4.52
C LYS A 191 -37.54 -1.94 3.09
N CYS A 192 -38.51 -2.23 2.22
CA CYS A 192 -38.41 -1.90 0.79
C CYS A 192 -39.26 -0.73 0.36
N LEU A 193 -38.62 0.42 0.17
CA LEU A 193 -39.33 1.59 -0.26
C LEU A 193 -39.29 1.67 -1.77
N ASP A 194 -40.46 1.74 -2.39
CA ASP A 194 -40.53 1.89 -3.84
C ASP A 194 -40.10 3.29 -4.20
N LYS A 195 -39.07 3.38 -5.04
CA LYS A 195 -38.57 4.67 -5.54
C LYS A 195 -39.64 5.41 -6.33
N LYS A 196 -40.42 4.67 -7.11
CA LYS A 196 -41.46 5.29 -7.93
C LYS A 196 -42.51 5.98 -7.06
N ARG A 197 -42.84 5.36 -5.92
CA ARG A 197 -43.75 5.98 -4.95
C ARG A 197 -43.11 7.19 -4.28
N ILE A 198 -41.81 7.11 -4.01
CA ILE A 198 -41.09 8.21 -3.38
C ILE A 198 -41.06 9.44 -4.27
N LYS A 199 -40.77 9.23 -5.56
CA LYS A 199 -40.78 10.30 -6.54
C LYS A 199 -42.17 10.92 -6.60
N MET A 200 -43.16 10.04 -6.75
CA MET A 200 -44.56 10.44 -6.86
C MET A 200 -44.96 11.40 -5.73
N LYS A 201 -44.66 11.00 -4.50
CA LYS A 201 -45.08 11.75 -3.32
C LYS A 201 -44.06 12.79 -2.87
N GLN A 202 -42.91 12.84 -3.53
CA GLN A 202 -41.82 13.78 -3.18
C GLN A 202 -41.23 13.55 -1.77
N GLY A 203 -41.17 12.30 -1.33
CA GLY A 203 -40.63 11.99 -0.02
C GLY A 203 -39.19 11.52 -0.08
N GLU A 204 -38.38 12.12 -0.95
CA GLU A 204 -36.99 11.67 -1.15
C GLU A 204 -36.16 12.00 0.08
N THR A 205 -36.14 13.28 0.45
CA THR A 205 -35.41 13.75 1.63
C THR A 205 -35.74 12.92 2.83
N LEU A 206 -37.00 12.55 2.95
CA LEU A 206 -37.47 11.66 4.00
C LEU A 206 -36.74 10.30 3.95
N ALA A 207 -36.79 9.64 2.80
CA ALA A 207 -36.12 8.35 2.65
C ALA A 207 -34.63 8.48 2.94
N LEU A 208 -34.02 9.53 2.38
CA LEU A 208 -32.60 9.79 2.59
C LEU A 208 -32.29 10.13 4.04
N ASN A 209 -33.15 10.93 4.69
CA ASN A 209 -32.97 11.28 6.09
C ASN A 209 -32.98 10.06 7.00
N GLU A 210 -33.95 9.16 6.81
CA GLU A 210 -34.05 7.96 7.64
C GLU A 210 -32.70 7.22 7.69
N ARG A 211 -32.10 7.05 6.52
CA ARG A 211 -30.81 6.35 6.37
C ARG A 211 -29.71 7.07 7.16
N ILE A 212 -29.61 8.38 6.93
CA ILE A 212 -28.66 9.23 7.63
C ILE A 212 -28.90 9.17 9.14
N MET A 213 -30.16 9.13 9.53
CA MET A 213 -30.54 9.09 10.94
C MET A 213 -30.22 7.74 11.54
N LEU A 214 -30.74 6.68 10.93
CA LEU A 214 -30.44 5.32 11.36
C LEU A 214 -28.94 5.09 11.65
N SER A 215 -28.09 5.66 10.81
CA SER A 215 -26.63 5.53 10.95
C SER A 215 -26.07 6.26 12.16
N LEU A 216 -26.70 7.35 12.58
CA LEU A 216 -26.25 8.07 13.78
C LEU A 216 -26.56 7.29 15.04
N VAL A 217 -27.51 6.37 14.92
CA VAL A 217 -28.14 5.73 16.05
C VAL A 217 -27.81 4.23 16.16
N SER A 218 -27.58 3.58 15.03
CA SER A 218 -27.43 2.11 15.01
C SER A 218 -26.14 1.55 15.63
N THR A 219 -25.32 2.39 16.26
CA THR A 219 -24.20 1.92 17.07
C THR A 219 -24.57 1.90 18.56
N GLY A 220 -23.80 1.17 19.36
CA GLY A 220 -23.97 1.12 20.81
C GLY A 220 -24.87 0.01 21.33
N ASP A 221 -25.45 -0.77 20.42
CA ASP A 221 -26.39 -1.84 20.76
C ASP A 221 -27.51 -1.35 21.70
N CYS A 222 -28.55 -0.78 21.11
CA CYS A 222 -29.68 -0.26 21.87
C CYS A 222 -30.85 -1.21 21.70
N PRO A 223 -31.32 -1.81 22.82
CA PRO A 223 -32.45 -2.73 22.77
C PRO A 223 -33.79 -2.11 22.37
N PHE A 224 -33.94 -0.80 22.53
CA PHE A 224 -35.25 -0.15 22.42
C PHE A 224 -35.40 0.78 21.21
N ILE A 225 -34.62 0.51 20.16
CA ILE A 225 -34.74 1.21 18.88
C ILE A 225 -34.48 0.22 17.77
N VAL A 226 -35.21 0.37 16.67
CA VAL A 226 -35.01 -0.45 15.48
C VAL A 226 -33.81 0.11 14.72
N CYS A 227 -32.73 -0.69 14.70
CA CYS A 227 -31.46 -0.25 14.19
C CYS A 227 -31.07 -0.97 12.90
N MET A 228 -30.16 -0.32 12.16
CA MET A 228 -29.73 -0.76 10.84
C MET A 228 -28.39 -1.49 10.90
N SER A 229 -28.27 -2.54 10.09
CA SER A 229 -26.98 -3.21 9.84
C SER A 229 -26.50 -2.89 8.44
N TYR A 230 -27.43 -2.84 7.49
CA TYR A 230 -27.08 -2.52 6.13
C TYR A 230 -28.17 -1.70 5.47
N ALA A 231 -27.75 -0.91 4.48
CA ALA A 231 -28.68 -0.28 3.54
C ALA A 231 -28.13 -0.47 2.14
N PHE A 232 -29.02 -0.72 1.18
CA PHE A 232 -28.63 -0.83 -0.21
C PHE A 232 -29.84 -0.55 -1.10
N HIS A 233 -29.63 -0.53 -2.40
CA HIS A 233 -30.73 -0.31 -3.30
C HIS A 233 -30.57 -1.07 -4.60
N THR A 234 -31.72 -1.39 -5.21
CA THR A 234 -31.78 -1.85 -6.59
C THR A 234 -32.17 -0.65 -7.43
N PRO A 235 -32.32 -0.84 -8.75
CA PRO A 235 -32.67 0.31 -9.56
C PRO A 235 -33.95 1.02 -9.15
N ASP A 236 -34.85 0.34 -8.43
CA ASP A 236 -36.15 0.91 -8.08
C ASP A 236 -36.66 0.60 -6.67
N LYS A 237 -35.77 0.16 -5.77
CA LYS A 237 -36.15 -0.15 -4.38
C LYS A 237 -35.05 0.23 -3.40
N LEU A 238 -35.36 1.07 -2.42
CA LEU A 238 -34.45 1.32 -1.30
C LEU A 238 -34.67 0.24 -0.28
N SER A 239 -33.60 -0.41 0.15
CA SER A 239 -33.72 -1.53 1.05
C SER A 239 -32.94 -1.28 2.32
N PHE A 240 -33.62 -1.33 3.46
CA PHE A 240 -32.98 -1.24 4.78
C PHE A 240 -33.03 -2.59 5.50
N ILE A 241 -31.87 -3.08 5.91
CA ILE A 241 -31.81 -4.26 6.74
C ILE A 241 -31.78 -3.84 8.20
N LEU A 242 -32.78 -4.29 8.94
CA LEU A 242 -33.13 -3.75 10.24
C LEU A 242 -33.40 -4.84 11.27
N ASP A 243 -33.41 -4.44 12.54
CA ASP A 243 -33.80 -5.30 13.63
C ASP A 243 -35.14 -5.93 13.37
N LEU A 244 -35.25 -7.24 13.62
CA LEU A 244 -36.52 -7.95 13.50
C LEU A 244 -37.46 -7.65 14.66
N MET A 245 -38.71 -7.31 14.32
CA MET A 245 -39.75 -7.02 15.29
C MET A 245 -41.08 -7.55 14.77
N ASN A 246 -41.30 -8.86 14.85
CA ASN A 246 -42.47 -9.46 14.17
C ASN A 246 -43.68 -9.70 15.08
N GLY A 247 -43.93 -8.74 15.98
CA GLY A 247 -45.09 -8.79 16.86
C GLY A 247 -45.99 -7.56 16.78
N GLY A 248 -46.09 -6.96 15.60
CA GLY A 248 -46.98 -5.80 15.40
C GLY A 248 -46.59 -4.55 16.16
N ASP A 249 -47.42 -3.53 16.07
CA ASP A 249 -47.18 -2.25 16.77
C ASP A 249 -48.24 -1.98 17.81
N LEU A 250 -48.04 -0.93 18.58
CA LEU A 250 -48.93 -0.63 19.69
C LEU A 250 -50.29 -0.09 19.22
N HIS A 251 -50.27 0.75 18.19
CA HIS A 251 -51.51 1.29 17.64
C HIS A 251 -52.46 0.16 17.30
N TYR A 252 -51.92 -0.95 16.79
CA TYR A 252 -52.71 -2.15 16.50
C TYR A 252 -53.16 -2.86 17.77
N HIS A 253 -52.20 -3.31 18.57
CA HIS A 253 -52.51 -4.08 19.77
C HIS A 253 -53.45 -3.32 20.70
N LEU A 254 -53.24 -2.01 20.77
CA LEU A 254 -54.14 -1.13 21.50
C LEU A 254 -55.58 -1.29 21.03
N SER A 255 -55.79 -1.39 19.71
CA SER A 255 -57.14 -1.58 19.16
C SER A 255 -57.70 -2.98 19.40
N GLN A 256 -56.82 -3.97 19.57
CA GLN A 256 -57.21 -5.35 19.87
C GLN A 256 -57.38 -5.59 21.38
N HIS A 257 -56.47 -4.99 22.16
CA HIS A 257 -56.48 -5.09 23.62
C HIS A 257 -57.47 -4.14 24.27
N GLY A 258 -57.62 -2.95 23.69
CA GLY A 258 -58.30 -1.85 24.36
C GLY A 258 -57.23 -1.12 25.17
N VAL A 259 -57.64 -0.15 25.98
CA VAL A 259 -56.67 0.65 26.74
C VAL A 259 -55.91 -0.20 27.75
N PHE A 260 -54.68 0.22 28.06
CA PHE A 260 -53.82 -0.49 29.02
C PHE A 260 -53.92 0.07 30.42
N SER A 261 -53.59 -0.76 31.39
CA SER A 261 -53.56 -0.33 32.79
C SER A 261 -52.30 0.51 33.04
N GLU A 262 -52.24 1.14 34.20
CA GLU A 262 -51.07 1.93 34.57
C GLU A 262 -49.84 1.05 34.58
N ALA A 263 -49.97 -0.14 35.16
CA ALA A 263 -48.82 -1.04 35.27
C ALA A 263 -48.35 -1.52 33.90
N ASP A 264 -49.29 -1.83 33.01
CA ASP A 264 -48.94 -2.27 31.66
C ASP A 264 -48.29 -1.16 30.89
N MET A 265 -48.87 0.04 30.96
CA MET A 265 -48.29 1.15 30.24
C MET A 265 -46.94 1.52 30.86
N ARG A 266 -46.80 1.35 32.18
CA ARG A 266 -45.53 1.63 32.85
C ARG A 266 -44.37 0.92 32.16
N PHE A 267 -44.59 -0.36 31.86
CA PHE A 267 -43.61 -1.19 31.15
C PHE A 267 -43.19 -0.57 29.83
N TYR A 268 -44.16 -0.25 29.00
CA TYR A 268 -43.88 0.32 27.70
C TYR A 268 -43.15 1.65 27.85
N ALA A 269 -43.60 2.46 28.81
CA ALA A 269 -43.04 3.79 29.04
C ALA A 269 -41.57 3.70 29.37
N ALA A 270 -41.25 2.83 30.33
CA ALA A 270 -39.86 2.63 30.73
C ALA A 270 -38.96 2.33 29.53
N GLU A 271 -39.37 1.37 28.72
CA GLU A 271 -38.57 0.97 27.59
C GLU A 271 -38.43 2.11 26.58
N ILE A 272 -39.50 2.86 26.37
CA ILE A 272 -39.44 3.92 25.40
C ILE A 272 -38.52 5.03 25.90
N ILE A 273 -38.64 5.35 27.17
CA ILE A 273 -37.80 6.37 27.80
C ILE A 273 -36.35 6.10 27.48
N LEU A 274 -35.92 4.87 27.73
CA LEU A 274 -34.54 4.51 27.52
C LEU A 274 -34.10 4.68 26.06
N GLY A 275 -34.99 4.32 25.14
CA GLY A 275 -34.73 4.48 23.71
C GLY A 275 -34.68 5.94 23.30
N LEU A 276 -35.46 6.77 24.00
CA LEU A 276 -35.38 8.21 23.82
C LEU A 276 -34.02 8.66 24.30
N GLU A 277 -33.64 8.20 25.49
CA GLU A 277 -32.38 8.59 26.08
C GLU A 277 -31.26 8.40 25.09
N HIS A 278 -31.21 7.23 24.47
CA HIS A 278 -30.17 6.86 23.53
C HIS A 278 -30.03 7.87 22.38
N MET A 279 -31.17 8.23 21.79
CA MET A 279 -31.19 9.20 20.70
C MET A 279 -30.77 10.58 21.16
N HIS A 280 -31.19 10.93 22.36
CA HIS A 280 -30.92 12.26 22.92
C HIS A 280 -29.46 12.42 23.32
N ASN A 281 -28.79 11.31 23.61
CA ASN A 281 -27.34 11.32 23.82
C ASN A 281 -26.60 11.57 22.51
N ARG A 282 -27.12 10.98 21.43
CA ARG A 282 -26.54 11.16 20.10
C ARG A 282 -27.09 12.41 19.38
N PHE A 283 -27.80 13.27 20.12
CA PHE A 283 -28.31 14.54 19.60
C PHE A 283 -29.32 14.36 18.47
N VAL A 284 -30.32 13.53 18.72
CA VAL A 284 -31.37 13.28 17.76
C VAL A 284 -32.74 13.38 18.42
N VAL A 285 -33.60 14.22 17.84
CA VAL A 285 -35.00 14.30 18.25
C VAL A 285 -35.82 13.44 17.31
N TYR A 286 -36.65 12.57 17.88
CA TYR A 286 -37.42 11.64 17.09
C TYR A 286 -38.56 12.35 16.40
N ARG A 287 -39.28 13.17 17.17
CA ARG A 287 -40.30 14.06 16.66
C ARG A 287 -41.54 13.38 16.08
N ASP A 288 -41.72 12.09 16.35
CA ASP A 288 -42.90 11.39 15.83
C ASP A 288 -43.31 10.25 16.75
N LEU A 289 -43.27 10.52 18.05
CA LEU A 289 -43.52 9.49 19.06
C LEU A 289 -45.02 9.18 19.16
N LYS A 290 -45.36 7.92 18.93
CA LYS A 290 -46.74 7.50 18.67
C LYS A 290 -46.85 6.02 18.98
N PRO A 291 -48.07 5.50 19.23
CA PRO A 291 -48.18 4.05 19.42
C PRO A 291 -47.93 3.25 18.12
N ALA A 292 -48.28 3.86 16.99
CA ALA A 292 -48.05 3.26 15.69
C ALA A 292 -46.56 3.05 15.37
N ASN A 293 -45.69 3.89 15.94
CA ASN A 293 -44.25 3.78 15.70
C ASN A 293 -43.53 3.13 16.88
N ILE A 294 -44.22 2.21 17.55
CA ILE A 294 -43.61 1.41 18.60
C ILE A 294 -43.98 -0.05 18.39
N LEU A 295 -42.97 -0.86 18.07
CA LEU A 295 -43.18 -2.23 17.65
C LEU A 295 -42.85 -3.20 18.74
N LEU A 296 -43.36 -4.42 18.58
CA LEU A 296 -43.18 -5.49 19.54
C LEU A 296 -42.47 -6.65 18.90
N ASP A 297 -41.49 -7.19 19.63
CA ASP A 297 -40.84 -8.42 19.21
C ASP A 297 -41.72 -9.61 19.62
N GLU A 298 -41.24 -10.81 19.29
CA GLU A 298 -41.95 -12.06 19.52
C GLU A 298 -42.28 -12.29 20.98
N HIS A 299 -41.51 -11.66 21.88
CA HIS A 299 -41.67 -11.86 23.33
C HIS A 299 -42.53 -10.79 23.99
N GLY A 300 -42.69 -9.65 23.33
CA GLY A 300 -43.52 -8.55 23.85
C GLY A 300 -42.78 -7.26 24.23
N HIS A 301 -41.47 -7.20 23.96
CA HIS A 301 -40.66 -6.01 24.28
C HIS A 301 -40.70 -5.05 23.11
N VAL A 302 -40.43 -3.78 23.40
CA VAL A 302 -40.69 -2.74 22.41
C VAL A 302 -39.47 -1.99 21.92
N ARG A 303 -39.62 -1.45 20.72
CA ARG A 303 -38.60 -0.62 20.10
C ARG A 303 -39.27 0.53 19.38
N ILE A 304 -38.59 1.67 19.33
CA ILE A 304 -39.04 2.82 18.53
C ILE A 304 -38.66 2.59 17.08
N SER A 305 -39.63 2.74 16.19
CA SER A 305 -39.43 2.44 14.78
C SER A 305 -39.51 3.67 13.90
N ASP A 306 -38.94 3.56 12.70
CA ASP A 306 -39.15 4.51 11.63
C ASP A 306 -38.67 5.90 12.00
N LEU A 307 -37.44 6.22 11.60
CA LEU A 307 -36.82 7.50 11.96
C LEU A 307 -36.91 8.54 10.85
N GLY A 308 -37.92 8.42 9.98
CA GLY A 308 -38.09 9.33 8.85
C GLY A 308 -38.15 10.79 9.24
N LEU A 309 -38.92 11.10 10.27
CA LEU A 309 -39.13 12.47 10.74
C LEU A 309 -38.31 12.85 11.98
N ALA A 310 -37.24 12.12 12.25
CA ALA A 310 -36.30 12.50 13.31
C ALA A 310 -35.31 13.55 12.78
N CYS A 311 -34.41 14.02 13.64
CA CYS A 311 -33.53 15.12 13.29
C CYS A 311 -32.33 15.27 14.24
N ASP A 312 -31.18 15.61 13.66
CA ASP A 312 -29.94 15.83 14.41
C ASP A 312 -29.80 17.31 14.76
N PHE A 313 -29.73 17.63 16.05
CA PHE A 313 -29.61 19.02 16.51
C PHE A 313 -28.21 19.37 17.04
N SER A 314 -27.25 18.47 16.81
CA SER A 314 -25.88 18.68 17.27
C SER A 314 -25.31 20.03 16.82
N LYS A 315 -25.48 20.33 15.53
CA LYS A 315 -24.84 21.50 14.89
C LYS A 315 -25.72 22.74 15.01
N LYS A 316 -26.97 22.64 14.58
CA LYS A 316 -27.96 23.72 14.70
C LYS A 316 -29.32 23.14 15.05
N LYS A 317 -30.16 23.96 15.68
CA LYS A 317 -31.46 23.50 16.15
C LYS A 317 -32.49 23.60 15.03
N PRO A 318 -33.52 22.74 15.06
CA PRO A 318 -34.66 22.82 14.14
C PRO A 318 -35.77 23.66 14.73
N HIS A 319 -36.66 24.15 13.87
CA HIS A 319 -37.74 25.04 14.30
C HIS A 319 -39.06 24.80 13.56
N ALA A 320 -39.17 23.64 12.91
CA ALA A 320 -40.26 23.40 11.98
C ALA A 320 -41.37 22.59 12.62
N SER A 321 -42.60 22.89 12.23
CA SER A 321 -43.78 22.15 12.65
C SER A 321 -43.86 20.81 11.92
N VAL A 322 -43.19 19.81 12.47
CA VAL A 322 -43.16 18.49 11.84
C VAL A 322 -43.34 17.38 12.87
N GLY A 323 -44.13 16.37 12.49
CA GLY A 323 -44.51 15.27 13.37
C GLY A 323 -45.96 14.91 13.13
N THR A 324 -46.51 14.06 13.99
CA THR A 324 -47.95 13.74 13.95
C THR A 324 -48.72 14.72 14.83
N HIS A 325 -49.88 15.16 14.34
CA HIS A 325 -50.74 16.03 15.12
C HIS A 325 -51.35 15.29 16.30
N GLY A 326 -51.42 15.98 17.44
CA GLY A 326 -51.86 15.39 18.70
C GLY A 326 -50.70 15.05 19.62
N TYR A 327 -49.48 15.08 19.08
CA TYR A 327 -48.27 14.72 19.82
C TYR A 327 -47.12 15.73 19.69
N MET A 328 -47.37 16.85 19.02
CA MET A 328 -46.33 17.87 18.84
C MET A 328 -46.34 18.82 20.01
N ALA A 329 -45.14 19.19 20.47
CA ALA A 329 -44.98 20.14 21.57
C ALA A 329 -45.29 21.58 21.13
N PRO A 330 -45.49 22.50 22.09
CA PRO A 330 -45.71 23.91 21.76
C PRO A 330 -44.57 24.51 20.97
N GLU A 331 -43.34 24.29 21.43
CA GLU A 331 -42.15 24.88 20.81
C GLU A 331 -41.94 24.39 19.36
N VAL A 332 -42.35 23.16 19.07
CA VAL A 332 -42.24 22.60 17.72
C VAL A 332 -43.25 23.26 16.79
N LEU A 333 -44.52 23.07 17.11
CA LEU A 333 -45.63 23.60 16.31
C LEU A 333 -45.42 25.05 15.92
N GLN A 334 -45.06 25.87 16.89
CA GLN A 334 -44.80 27.28 16.65
C GLN A 334 -43.65 27.40 15.65
N LYS A 335 -43.95 27.98 14.49
CA LYS A 335 -42.94 28.16 13.45
C LYS A 335 -42.12 29.38 13.81
N GLY A 336 -40.81 29.30 13.54
CA GLY A 336 -39.87 30.31 13.98
C GLY A 336 -39.54 30.15 15.46
N VAL A 337 -39.65 28.91 15.95
CA VAL A 337 -39.35 28.59 17.35
C VAL A 337 -38.47 27.33 17.40
N ALA A 338 -37.23 27.51 17.87
CA ALA A 338 -36.24 26.44 17.89
C ALA A 338 -36.48 25.47 19.05
N TYR A 339 -35.87 24.29 18.98
CA TYR A 339 -36.09 23.27 20.00
C TYR A 339 -35.07 22.14 19.93
N ASP A 340 -35.15 21.24 20.90
CA ASP A 340 -34.28 20.07 21.00
C ASP A 340 -35.05 18.91 21.66
N SER A 341 -34.35 18.01 22.35
CA SER A 341 -34.97 16.87 23.05
C SER A 341 -36.38 17.15 23.58
N SER A 342 -36.52 18.34 24.17
CA SER A 342 -37.80 18.89 24.65
C SER A 342 -39.06 18.23 24.08
N ALA A 343 -39.22 18.30 22.77
CA ALA A 343 -40.46 17.88 22.10
C ALA A 343 -40.89 16.46 22.47
N ASP A 344 -39.96 15.53 22.38
CA ASP A 344 -40.29 14.10 22.55
C ASP A 344 -40.84 13.76 23.93
N TRP A 345 -40.43 14.52 24.94
CA TRP A 345 -40.99 14.34 26.26
C TRP A 345 -42.45 14.70 26.23
N PHE A 346 -42.76 15.82 25.60
CA PHE A 346 -44.14 16.23 25.42
C PHE A 346 -44.87 15.17 24.62
N SER A 347 -44.25 14.74 23.53
CA SER A 347 -44.83 13.69 22.71
C SER A 347 -45.03 12.42 23.53
N LEU A 348 -44.06 12.09 24.38
CA LEU A 348 -44.20 10.90 25.22
C LEU A 348 -45.49 10.99 26.01
N GLY A 349 -45.63 12.06 26.78
CA GLY A 349 -46.82 12.31 27.58
C GLY A 349 -48.09 12.07 26.78
N CYS A 350 -48.13 12.60 25.56
CA CYS A 350 -49.30 12.48 24.70
C CYS A 350 -49.61 11.03 24.33
N MET A 351 -48.59 10.28 23.99
CA MET A 351 -48.76 8.89 23.61
C MET A 351 -49.16 8.02 24.81
N LEU A 352 -48.44 8.18 25.91
CA LEU A 352 -48.73 7.40 27.12
C LEU A 352 -50.17 7.61 27.57
N PHE A 353 -50.62 8.86 27.52
CA PHE A 353 -52.00 9.17 27.75
C PHE A 353 -52.89 8.32 26.84
N LYS A 354 -52.57 8.30 25.54
CA LYS A 354 -53.35 7.52 24.60
C LYS A 354 -53.42 6.07 25.03
N LEU A 355 -52.32 5.54 25.54
CA LEU A 355 -52.29 4.16 25.99
C LEU A 355 -53.34 3.89 27.06
N LEU A 356 -53.57 4.89 27.90
CA LEU A 356 -54.49 4.74 29.03
C LEU A 356 -55.95 5.09 28.71
N ARG A 357 -56.15 6.04 27.81
CA ARG A 357 -57.50 6.51 27.50
C ARG A 357 -57.94 6.25 26.06
N GLY A 358 -57.03 5.79 25.20
CA GLY A 358 -57.39 5.36 23.84
C GLY A 358 -57.46 6.46 22.80
N HIS A 359 -57.24 7.71 23.23
CA HIS A 359 -57.22 8.84 22.33
C HIS A 359 -56.18 9.84 22.81
N SER A 360 -55.79 10.73 21.91
CA SER A 360 -54.81 11.77 22.22
C SER A 360 -55.41 12.70 23.27
N PRO A 361 -54.56 13.29 24.13
CA PRO A 361 -55.08 14.29 25.08
C PRO A 361 -55.86 15.36 24.34
N PHE A 362 -55.23 15.94 23.31
CA PHE A 362 -55.83 17.03 22.56
C PHE A 362 -56.72 16.54 21.41
N ARG A 363 -57.37 15.39 21.59
CA ARG A 363 -58.26 14.82 20.56
C ARG A 363 -59.46 14.15 21.20
N GLN A 364 -60.29 14.95 21.85
CA GLN A 364 -61.50 14.43 22.47
C GLN A 364 -62.68 14.58 21.51
N HIS A 365 -63.67 13.72 21.69
CA HIS A 365 -64.86 13.66 20.83
C HIS A 365 -64.52 13.44 19.35
N LYS A 366 -63.35 12.83 19.10
CA LYS A 366 -62.95 12.39 17.76
C LYS A 366 -62.95 13.48 16.68
N THR A 367 -62.74 14.73 17.09
CA THR A 367 -62.70 15.84 16.12
C THR A 367 -61.48 15.69 15.22
N LYS A 368 -61.68 15.93 13.93
CA LYS A 368 -60.62 15.76 12.94
C LYS A 368 -59.84 17.05 12.74
N ASP A 369 -60.53 18.19 12.74
CA ASP A 369 -59.92 19.51 12.54
C ASP A 369 -58.65 19.64 13.37
N LYS A 370 -57.51 19.66 12.68
CA LYS A 370 -56.20 19.57 13.30
C LYS A 370 -55.67 20.93 13.74
N HIS A 371 -56.32 22.00 13.29
CA HIS A 371 -55.89 23.36 13.60
C HIS A 371 -56.19 23.73 15.05
N GLU A 372 -57.34 23.27 15.54
CA GLU A 372 -57.76 23.55 16.91
C GLU A 372 -57.21 22.55 17.90
N ILE A 373 -56.77 21.39 17.40
CA ILE A 373 -55.98 20.45 18.21
C ILE A 373 -54.69 21.11 18.66
N ASP A 374 -54.11 21.91 17.77
CA ASP A 374 -52.89 22.64 18.05
C ASP A 374 -53.13 23.78 19.05
N ARG A 375 -54.31 24.39 18.99
CA ARG A 375 -54.67 25.49 19.90
C ARG A 375 -54.68 25.05 21.35
N MET A 376 -55.07 23.81 21.59
CA MET A 376 -55.10 23.25 22.94
C MET A 376 -53.71 23.03 23.55
N THR A 377 -52.67 23.15 22.73
CA THR A 377 -51.31 22.81 23.16
C THR A 377 -50.54 24.01 23.75
N LEU A 378 -50.72 25.20 23.17
CA LEU A 378 -49.87 26.36 23.48
C LEU A 378 -50.20 27.07 24.80
N THR A 379 -51.46 27.44 24.97
CA THR A 379 -51.92 28.06 26.23
C THR A 379 -53.17 27.34 26.76
N MET A 380 -53.01 26.09 27.14
CA MET A 380 -54.07 25.30 27.79
C MET A 380 -53.53 24.07 28.53
N ALA A 381 -53.76 24.05 29.84
CA ALA A 381 -53.42 22.91 30.68
C ALA A 381 -54.36 21.74 30.38
N VAL A 382 -53.85 20.53 30.50
CA VAL A 382 -54.62 19.33 30.18
C VAL A 382 -55.41 18.82 31.38
N GLU A 383 -56.64 18.36 31.14
CA GLU A 383 -57.51 17.84 32.20
C GLU A 383 -57.41 16.32 32.23
N LEU A 384 -57.34 15.75 33.44
CA LEU A 384 -57.02 14.32 33.62
C LEU A 384 -58.08 13.57 34.44
N PRO A 385 -58.31 12.26 34.13
CA PRO A 385 -59.42 11.49 34.72
C PRO A 385 -59.41 11.31 36.25
N ASP A 386 -60.57 10.93 36.78
CA ASP A 386 -60.80 10.74 38.22
C ASP A 386 -60.24 9.41 38.74
N SER A 387 -59.67 8.61 37.83
CA SER A 387 -59.20 7.27 38.13
C SER A 387 -57.69 7.09 37.90
N PHE A 388 -57.01 8.16 37.49
CA PHE A 388 -55.56 8.16 37.41
C PHE A 388 -55.00 8.27 38.80
N SER A 389 -53.89 7.58 39.03
CA SER A 389 -53.19 7.66 40.30
C SER A 389 -52.54 9.04 40.48
N PRO A 390 -52.25 9.42 41.73
CA PRO A 390 -51.59 10.71 41.96
C PRO A 390 -50.18 10.77 41.38
N GLU A 391 -49.52 9.62 41.27
CA GLU A 391 -48.18 9.55 40.66
C GLU A 391 -48.24 9.63 39.14
N LEU A 392 -49.19 8.93 38.54
CA LEU A 392 -49.43 9.04 37.11
C LEU A 392 -49.74 10.49 36.75
N ARG A 393 -50.55 11.14 37.58
CA ARG A 393 -50.89 12.53 37.36
C ARG A 393 -49.63 13.38 37.25
N SER A 394 -48.82 13.41 38.30
CA SER A 394 -47.67 14.33 38.36
C SER A 394 -46.66 14.08 37.26
N LEU A 395 -46.61 12.83 36.77
CA LEU A 395 -45.79 12.48 35.62
C LEU A 395 -46.33 13.18 34.38
N LEU A 396 -47.58 12.89 34.05
CA LEU A 396 -48.21 13.45 32.88
C LEU A 396 -48.33 14.97 33.00
N GLU A 397 -48.55 15.45 34.22
CA GLU A 397 -48.55 16.90 34.49
C GLU A 397 -47.22 17.51 34.06
N GLY A 398 -46.12 16.94 34.57
CA GLY A 398 -44.78 17.40 34.24
C GLY A 398 -44.43 17.22 32.78
N LEU A 399 -44.89 16.11 32.19
CA LEU A 399 -44.57 15.80 30.79
C LEU A 399 -45.24 16.73 29.80
N LEU A 400 -46.39 17.27 30.17
CA LEU A 400 -47.21 18.03 29.24
C LEU A 400 -47.26 19.51 29.62
N GLN A 401 -46.22 19.99 30.30
CA GLN A 401 -46.11 21.40 30.64
C GLN A 401 -45.81 22.21 29.40
N ARG A 402 -46.66 23.18 29.09
CA ARG A 402 -46.51 23.98 27.89
C ARG A 402 -45.15 24.67 27.85
N ASP A 403 -44.74 25.21 29.01
CA ASP A 403 -43.42 25.83 29.14
C ASP A 403 -42.34 24.76 29.13
N VAL A 404 -41.32 24.96 28.31
CA VAL A 404 -40.15 24.07 28.29
C VAL A 404 -39.27 24.38 29.50
N ASN A 405 -39.35 25.61 29.98
CA ASN A 405 -38.69 26.03 31.23
C ASN A 405 -39.11 25.13 32.40
N ARG A 406 -40.38 24.74 32.41
CA ARG A 406 -40.93 23.95 33.49
C ARG A 406 -41.48 22.59 33.01
N ARG A 407 -40.81 22.00 32.01
CA ARG A 407 -41.20 20.68 31.49
C ARG A 407 -40.28 19.58 32.01
N LEU A 408 -40.86 18.42 32.27
CA LEU A 408 -40.15 17.27 32.80
C LEU A 408 -39.24 16.65 31.73
N GLY A 409 -37.94 16.65 31.99
CA GLY A 409 -36.94 16.13 31.07
C GLY A 409 -36.20 17.21 30.29
N CYS A 410 -36.32 18.45 30.74
CA CYS A 410 -35.76 19.60 30.04
C CYS A 410 -35.16 20.59 31.01
N LEU A 411 -34.59 20.08 32.11
CA LEU A 411 -34.04 20.93 33.18
C LEU A 411 -32.52 20.82 33.32
N GLY A 412 -31.90 20.00 32.47
CA GLY A 412 -30.46 19.78 32.54
C GLY A 412 -30.17 18.31 32.36
N ARG A 413 -30.44 17.53 33.39
CA ARG A 413 -30.11 16.10 33.42
C ARG A 413 -30.99 15.20 32.51
N GLY A 414 -31.95 15.79 31.81
CA GLY A 414 -32.73 15.10 30.78
C GLY A 414 -33.53 13.89 31.25
N ALA A 415 -33.26 12.74 30.65
CA ALA A 415 -34.01 11.52 30.90
C ALA A 415 -33.97 11.04 32.35
N GLN A 416 -32.93 11.42 33.08
CA GLN A 416 -32.81 11.04 34.48
C GLN A 416 -34.02 11.58 35.25
N GLU A 417 -34.31 12.86 35.08
CA GLU A 417 -35.41 13.53 35.78
C GLU A 417 -36.74 12.80 35.65
N VAL A 418 -36.96 12.17 34.50
CA VAL A 418 -38.17 11.41 34.22
C VAL A 418 -38.14 10.04 34.92
N LYS A 419 -37.00 9.37 34.86
CA LYS A 419 -36.78 8.12 35.57
C LYS A 419 -36.96 8.30 37.08
N GLU A 420 -36.54 9.47 37.56
CA GLU A 420 -36.70 9.82 38.97
C GLU A 420 -38.16 10.05 39.37
N SER A 421 -39.07 10.10 38.40
CA SER A 421 -40.49 10.28 38.70
C SER A 421 -41.00 9.19 39.64
N PRO A 422 -41.72 9.59 40.70
CA PRO A 422 -42.39 8.64 41.62
C PRO A 422 -43.38 7.65 40.96
N PHE A 423 -43.68 7.82 39.68
CA PHE A 423 -44.44 6.82 38.95
C PHE A 423 -43.59 5.56 38.73
N PHE A 424 -42.27 5.75 38.71
CA PHE A 424 -41.34 4.67 38.46
C PHE A 424 -40.54 4.27 39.70
N ARG A 425 -41.04 4.58 40.91
CA ARG A 425 -40.34 4.23 42.15
C ARG A 425 -39.97 2.75 42.18
N SER A 426 -40.90 1.93 41.69
CA SER A 426 -40.76 0.49 41.74
C SER A 426 -39.71 -0.07 40.78
N LEU A 427 -39.24 0.74 39.84
CA LEU A 427 -38.33 0.23 38.82
C LEU A 427 -36.84 0.32 39.16
N ASP A 428 -36.13 -0.68 38.65
CA ASP A 428 -34.68 -0.76 38.62
C ASP A 428 -34.30 -0.60 37.16
N TRP A 429 -33.79 0.56 36.80
CA TRP A 429 -33.62 0.88 35.38
C TRP A 429 -32.59 0.01 34.67
N GLN A 430 -31.58 -0.44 35.40
CA GLN A 430 -30.64 -1.43 34.87
C GLN A 430 -31.41 -2.68 34.43
N MET A 431 -32.43 -3.06 35.20
CA MET A 431 -33.17 -4.30 34.98
C MET A 431 -34.18 -4.12 33.84
N VAL A 432 -34.50 -2.87 33.55
CA VAL A 432 -35.32 -2.50 32.40
C VAL A 432 -34.50 -2.70 31.11
N PHE A 433 -33.29 -2.13 31.12
CA PHE A 433 -32.30 -2.22 30.04
C PHE A 433 -31.96 -3.66 29.67
N LEU A 434 -31.89 -4.50 30.69
CA LEU A 434 -31.60 -5.90 30.46
C LEU A 434 -32.85 -6.64 30.01
N GLN A 435 -33.98 -5.93 29.90
CA GLN A 435 -35.24 -6.46 29.39
C GLN A 435 -35.75 -7.62 30.24
N LYS A 436 -35.58 -7.50 31.55
CA LYS A 436 -35.94 -8.55 32.47
C LYS A 436 -37.41 -8.48 32.90
N TYR A 437 -37.99 -7.28 32.81
CA TYR A 437 -39.38 -7.06 33.21
C TYR A 437 -40.32 -7.71 32.21
N PRO A 438 -41.34 -8.42 32.72
CA PRO A 438 -42.18 -9.21 31.85
C PRO A 438 -43.13 -8.30 31.08
N PRO A 439 -43.27 -8.53 29.76
CA PRO A 439 -44.15 -7.68 29.00
C PRO A 439 -45.62 -8.03 29.24
N PRO A 440 -46.48 -7.00 29.24
CA PRO A 440 -47.91 -7.17 29.48
C PRO A 440 -48.65 -7.80 28.32
N LEU A 441 -48.20 -7.57 27.09
CA LEU A 441 -48.84 -8.20 25.94
C LEU A 441 -47.83 -8.98 25.10
N ILE A 442 -48.05 -10.29 24.99
CA ILE A 442 -47.24 -11.16 24.15
C ILE A 442 -48.01 -11.41 22.86
N PRO A 443 -47.41 -11.09 21.70
CA PRO A 443 -48.07 -11.32 20.41
C PRO A 443 -48.47 -12.79 20.15
N PRO A 444 -49.49 -13.00 19.29
CA PRO A 444 -50.14 -14.30 19.08
C PRO A 444 -49.43 -15.28 18.13
N ARG A 445 -50.07 -16.42 17.86
CA ARG A 445 -49.57 -17.44 16.92
C ARG A 445 -49.74 -17.02 15.45
N GLY A 446 -50.98 -17.11 14.95
CA GLY A 446 -51.29 -16.76 13.56
C GLY A 446 -50.85 -15.34 13.23
N GLU A 447 -50.15 -15.18 12.11
CA GLU A 447 -49.43 -13.92 11.82
C GLU A 447 -50.28 -12.68 12.08
N VAL A 448 -49.64 -11.69 12.71
CA VAL A 448 -50.33 -10.55 13.29
C VAL A 448 -51.12 -9.67 12.29
N ASN A 449 -50.51 -9.35 11.15
CA ASN A 449 -51.06 -8.37 10.20
C ASN A 449 -51.25 -7.03 10.93
N ALA A 450 -50.17 -6.60 11.60
CA ALA A 450 -50.26 -5.61 12.68
C ALA A 450 -49.26 -4.46 12.60
N ALA A 451 -48.87 -4.05 11.39
CA ALA A 451 -48.01 -2.88 11.21
C ALA A 451 -48.39 -2.05 9.98
N ASP A 452 -49.70 -1.91 9.76
CA ASP A 452 -50.25 -1.00 8.75
C ASP A 452 -50.49 0.37 9.41
N ALA A 453 -50.60 1.44 8.61
CA ALA A 453 -50.74 2.81 9.14
C ALA A 453 -52.20 3.24 9.35
N PHE A 454 -52.84 3.78 8.30
CA PHE A 454 -54.24 4.19 8.34
C PHE A 454 -54.87 4.02 6.97
N THR A 464 -50.81 3.50 -8.85
CA THR A 464 -50.89 4.28 -10.08
C THR A 464 -49.49 4.60 -10.57
N LYS A 465 -49.25 4.40 -11.88
CA LYS A 465 -47.94 4.69 -12.48
C LYS A 465 -48.02 5.16 -13.93
N GLY A 466 -47.45 6.35 -14.17
CA GLY A 466 -46.98 6.76 -15.48
C GLY A 466 -45.63 7.43 -15.27
N ILE A 467 -44.82 6.81 -14.39
CA ILE A 467 -43.67 7.47 -13.75
C ILE A 467 -42.35 6.75 -14.03
N LYS A 468 -41.43 7.45 -14.68
CA LYS A 468 -40.09 6.92 -14.98
C LYS A 468 -39.09 7.35 -13.91
N LEU A 469 -37.88 6.80 -14.01
CA LEU A 469 -36.77 7.13 -13.13
C LEU A 469 -35.53 7.48 -13.96
N LEU A 470 -34.93 8.63 -13.66
CA LEU A 470 -33.90 9.23 -14.52
C LEU A 470 -32.50 9.24 -13.91
N ASP A 471 -31.53 9.73 -14.69
CA ASP A 471 -30.17 10.00 -14.21
C ASP A 471 -30.20 10.73 -12.87
N SER A 472 -30.92 11.85 -12.83
CA SER A 472 -30.91 12.74 -11.66
C SER A 472 -31.65 12.17 -10.44
N ASP A 473 -32.54 11.20 -10.68
CA ASP A 473 -33.26 10.52 -9.60
C ASP A 473 -32.35 9.53 -8.88
N GLN A 474 -31.59 8.75 -9.64
CA GLN A 474 -30.70 7.74 -9.07
C GLN A 474 -29.53 8.36 -8.30
N GLU A 475 -29.08 9.53 -8.76
CA GLU A 475 -27.93 10.24 -8.17
C GLU A 475 -28.21 10.74 -6.75
N LEU A 476 -29.49 10.84 -6.41
CA LEU A 476 -29.93 11.12 -5.05
C LEU A 476 -29.57 9.96 -4.14
N TYR A 477 -29.66 8.75 -4.68
CA TYR A 477 -29.41 7.55 -3.89
C TYR A 477 -28.00 7.02 -4.11
N ARG A 478 -27.01 7.91 -4.11
CA ARG A 478 -25.62 7.54 -4.40
C ARG A 478 -24.86 7.19 -3.12
N ASN A 479 -25.02 8.02 -2.09
CA ASN A 479 -24.41 7.78 -0.80
C ASN A 479 -25.28 6.88 0.06
N PHE A 480 -26.42 6.47 -0.48
CA PHE A 480 -27.39 5.64 0.24
C PHE A 480 -26.79 4.34 0.78
N PRO A 481 -26.21 3.49 -0.10
CA PRO A 481 -25.75 2.21 0.43
C PRO A 481 -24.65 2.36 1.50
N LEU A 482 -24.59 1.38 2.39
CA LEU A 482 -23.83 1.50 3.61
C LEU A 482 -23.81 0.16 4.32
N THR A 483 -22.84 -0.01 5.19
CA THR A 483 -22.76 -1.17 6.05
C THR A 483 -22.20 -0.71 7.38
N ILE A 484 -22.89 -1.01 8.47
CA ILE A 484 -22.39 -0.64 9.81
C ILE A 484 -21.39 -1.70 10.30
N SER A 485 -20.11 -1.34 10.41
CA SER A 485 -19.08 -2.34 10.73
C SER A 485 -19.40 -3.11 12.01
N GLU A 486 -19.65 -2.39 13.10
CA GLU A 486 -20.01 -2.99 14.39
C GLU A 486 -21.07 -4.08 14.26
N ARG A 487 -22.09 -3.78 13.44
CA ARG A 487 -23.21 -4.68 13.20
C ARG A 487 -22.80 -5.95 12.49
N TRP A 488 -22.05 -5.78 11.41
CA TRP A 488 -21.61 -6.91 10.63
C TRP A 488 -20.62 -7.78 11.42
N GLN A 489 -19.71 -7.14 12.16
CA GLN A 489 -18.75 -7.89 12.96
C GLN A 489 -19.44 -8.68 14.05
N GLN A 490 -20.43 -8.06 14.70
CA GLN A 490 -21.17 -8.74 15.75
C GLN A 490 -21.91 -9.92 15.15
N GLU A 491 -22.68 -9.67 14.09
CA GLU A 491 -23.41 -10.72 13.38
C GLU A 491 -22.49 -11.89 13.04
N VAL A 492 -21.29 -11.57 12.59
CA VAL A 492 -20.30 -12.58 12.21
C VAL A 492 -19.74 -13.28 13.44
N ALA A 493 -19.36 -12.48 14.43
CA ALA A 493 -18.80 -12.98 15.66
C ALA A 493 -19.74 -13.99 16.30
N GLU A 494 -21.04 -13.72 16.18
CA GLU A 494 -22.08 -14.50 16.85
C GLU A 494 -22.67 -15.65 16.04
N THR A 495 -22.14 -15.91 14.85
CA THR A 495 -22.68 -16.96 13.98
C THR A 495 -21.61 -17.93 13.45
N VAL A 496 -20.65 -17.38 12.71
CA VAL A 496 -19.75 -18.17 11.88
C VAL A 496 -18.27 -17.93 12.13
N PHE A 497 -17.93 -16.79 12.72
CA PHE A 497 -16.54 -16.41 12.94
C PHE A 497 -15.69 -17.56 13.47
N ASP A 498 -16.19 -18.27 14.47
CA ASP A 498 -15.47 -19.40 15.04
C ASP A 498 -15.32 -20.52 14.03
N THR A 499 -16.45 -20.94 13.45
CA THR A 499 -16.48 -22.11 12.57
C THR A 499 -15.76 -21.87 11.24
N ILE A 500 -15.67 -20.61 10.83
CA ILE A 500 -14.99 -20.28 9.58
C ILE A 500 -13.49 -20.25 9.77
N ASN A 501 -13.04 -19.58 10.82
CA ASN A 501 -11.63 -19.61 11.13
C ASN A 501 -11.12 -21.03 11.27
N ALA A 502 -11.90 -21.88 11.92
CA ALA A 502 -11.54 -23.28 12.07
C ALA A 502 -11.35 -23.96 10.70
N GLU A 503 -12.33 -23.81 9.82
CA GLU A 503 -12.30 -24.41 8.47
C GLU A 503 -11.17 -23.82 7.64
N THR A 504 -10.99 -22.51 7.75
CA THR A 504 -9.92 -21.81 7.06
C THR A 504 -8.55 -22.31 7.55
N ASP A 505 -8.38 -22.40 8.87
CA ASP A 505 -7.12 -22.87 9.45
C ASP A 505 -6.72 -24.24 8.92
N ARG A 506 -7.67 -25.18 8.93
CA ARG A 506 -7.43 -26.54 8.44
C ARG A 506 -7.22 -26.62 6.92
N LEU A 507 -7.58 -25.55 6.22
CA LEU A 507 -7.37 -25.45 4.80
C LEU A 507 -5.97 -24.90 4.50
N GLU A 508 -5.64 -23.78 5.13
CA GLU A 508 -4.33 -23.17 4.96
C GLU A 508 -3.21 -24.09 5.43
N ALA A 509 -3.46 -24.86 6.48
CA ALA A 509 -2.47 -25.79 7.02
C ALA A 509 -2.27 -27.01 6.12
N ARG A 510 -3.28 -27.36 5.34
CA ARG A 510 -3.13 -28.44 4.36
C ARG A 510 -2.33 -27.97 3.15
N LYS A 511 -2.63 -26.78 2.64
CA LYS A 511 -1.88 -26.20 1.53
C LYS A 511 -0.41 -25.97 1.87
N LYS A 512 -0.12 -25.68 3.13
CA LYS A 512 1.25 -25.49 3.59
C LYS A 512 1.97 -26.84 3.73
N ALA A 513 1.25 -27.81 4.28
CA ALA A 513 1.79 -29.18 4.44
C ALA A 513 1.86 -29.93 3.12
N LYS A 514 1.02 -29.55 2.17
CA LYS A 514 1.12 -30.06 0.81
C LYS A 514 2.33 -29.47 0.14
N ASN A 515 2.50 -28.15 0.27
CA ASN A 515 3.62 -27.44 -0.36
C ASN A 515 4.99 -27.78 0.25
N LYS A 516 5.03 -28.26 1.49
CA LYS A 516 6.28 -28.76 2.09
C LYS A 516 6.79 -29.98 1.32
N GLN A 517 5.88 -30.88 0.95
CA GLN A 517 6.21 -32.06 0.16
C GLN A 517 6.46 -31.68 -1.30
N LEU A 518 5.62 -30.80 -1.84
CA LEU A 518 5.78 -30.30 -3.20
C LEU A 518 7.10 -29.54 -3.40
N GLY A 519 7.46 -28.72 -2.42
CA GLY A 519 8.67 -27.89 -2.51
C GLY A 519 8.43 -26.51 -3.10
N HIS A 520 7.17 -26.18 -3.37
CA HIS A 520 6.76 -24.86 -3.89
C HIS A 520 6.93 -23.75 -2.84
N GLU A 521 6.97 -24.15 -1.57
CA GLU A 521 6.96 -23.22 -0.43
C GLU A 521 8.26 -22.41 -0.29
N GLU A 522 8.39 -21.40 -1.15
CA GLU A 522 9.42 -20.37 -0.99
C GLU A 522 8.87 -19.09 -1.58
N ASP A 523 8.93 -17.99 -0.83
CA ASP A 523 8.37 -16.73 -1.29
C ASP A 523 9.42 -15.94 -2.07
N TYR A 524 9.06 -15.66 -3.32
CA TYR A 524 9.84 -14.89 -4.25
C TYR A 524 10.04 -13.46 -3.79
N ALA A 525 9.13 -12.93 -2.97
CA ALA A 525 9.16 -11.52 -2.57
C ALA A 525 10.16 -11.18 -1.48
N LEU A 526 10.56 -12.18 -0.70
CA LEU A 526 11.38 -11.91 0.48
C LEU A 526 12.84 -11.67 0.12
N GLY A 527 13.43 -10.67 0.78
CA GLY A 527 14.87 -10.38 0.67
C GLY A 527 15.23 -9.42 -0.45
N LYS A 528 14.21 -8.81 -1.05
CA LYS A 528 14.40 -7.93 -2.19
C LYS A 528 13.90 -6.54 -1.85
N ASP A 529 13.37 -5.82 -2.83
CA ASP A 529 12.77 -4.51 -2.57
C ASP A 529 11.36 -4.48 -3.14
N CYS A 530 10.61 -5.55 -2.91
CA CYS A 530 9.26 -5.64 -3.43
C CYS A 530 8.34 -4.74 -2.65
N ILE A 531 7.50 -4.00 -3.36
CA ILE A 531 6.58 -3.10 -2.71
C ILE A 531 5.35 -3.83 -2.25
N MET A 532 4.74 -4.60 -3.15
CA MET A 532 3.46 -5.25 -2.90
C MET A 532 3.25 -6.44 -3.82
N HIS A 533 2.46 -7.42 -3.38
CA HIS A 533 2.15 -8.58 -4.21
C HIS A 533 0.79 -9.21 -3.87
N GLY A 534 0.39 -10.22 -4.65
CA GLY A 534 -0.92 -10.84 -4.50
C GLY A 534 -1.55 -11.07 -5.87
N TYR A 535 -2.65 -11.83 -5.90
CA TYR A 535 -3.31 -12.19 -7.14
C TYR A 535 -4.07 -11.04 -7.82
N MET A 536 -4.01 -11.03 -9.15
CA MET A 536 -4.93 -10.30 -9.99
C MET A 536 -5.15 -11.21 -11.19
N SER A 537 -6.00 -10.78 -12.11
CA SER A 537 -6.26 -11.53 -13.34
C SER A 537 -6.11 -10.59 -14.51
N LYS A 538 -5.14 -10.87 -15.38
CA LYS A 538 -4.95 -10.04 -16.56
C LYS A 538 -5.77 -10.62 -17.70
N MET A 539 -6.24 -9.74 -18.57
CA MET A 539 -7.05 -10.17 -19.67
C MET A 539 -6.13 -10.65 -20.77
N GLY A 540 -6.40 -11.85 -21.25
CA GLY A 540 -5.80 -12.35 -22.48
C GLY A 540 -6.71 -11.95 -23.62
N ASN A 541 -7.19 -12.94 -24.37
CA ASN A 541 -8.06 -12.68 -25.51
C ASN A 541 -9.49 -12.39 -25.04
N PRO A 542 -9.96 -11.15 -25.24
CA PRO A 542 -11.25 -10.77 -24.68
C PRO A 542 -12.42 -11.56 -25.25
N PHE A 543 -12.31 -11.98 -26.52
CA PHE A 543 -13.39 -12.69 -27.20
C PHE A 543 -13.57 -14.14 -26.69
N LEU A 544 -12.59 -14.63 -25.92
CA LEU A 544 -12.60 -15.99 -25.40
C LEU A 544 -12.87 -16.01 -23.89
N THR A 545 -13.34 -14.88 -23.39
CA THR A 545 -13.50 -14.68 -21.98
C THR A 545 -12.25 -15.15 -21.29
N GLN A 546 -11.12 -14.91 -21.92
CA GLN A 546 -9.87 -15.33 -21.37
C GLN A 546 -9.46 -14.36 -20.30
N TRP A 547 -9.46 -14.83 -19.05
CA TRP A 547 -8.96 -14.08 -17.93
C TRP A 547 -8.01 -15.01 -17.25
N GLN A 548 -6.86 -14.50 -16.84
CA GLN A 548 -5.79 -15.32 -16.35
C GLN A 548 -5.34 -14.84 -14.98
N ARG A 549 -5.78 -15.56 -13.96
CA ARG A 549 -5.35 -15.31 -12.59
C ARG A 549 -3.86 -15.62 -12.50
N ARG A 550 -3.08 -14.62 -12.10
CA ARG A 550 -1.65 -14.79 -11.91
C ARG A 550 -1.28 -14.15 -10.59
N TYR A 551 -0.15 -14.54 -10.04
CA TYR A 551 0.34 -13.90 -8.83
C TYR A 551 1.30 -12.79 -9.20
N PHE A 552 0.99 -11.56 -8.81
CA PHE A 552 1.79 -10.42 -9.21
C PHE A 552 2.73 -9.97 -8.12
N TYR A 553 3.85 -9.40 -8.56
CA TYR A 553 4.88 -8.84 -7.69
C TYR A 553 5.22 -7.47 -8.19
N LEU A 554 4.99 -6.46 -7.36
CA LEU A 554 5.29 -5.09 -7.74
C LEU A 554 6.63 -4.69 -7.12
N PHE A 555 7.56 -4.33 -8.00
CA PHE A 555 8.90 -3.87 -7.63
C PHE A 555 9.01 -2.41 -8.06
N PRO A 556 9.98 -1.67 -7.50
CA PRO A 556 9.99 -0.23 -7.75
C PRO A 556 10.13 0.15 -9.22
N ASN A 557 10.67 -0.75 -10.04
CA ASN A 557 10.90 -0.47 -11.47
C ASN A 557 10.17 -1.40 -12.46
N ARG A 558 9.30 -2.27 -11.95
CA ARG A 558 8.61 -3.26 -12.79
C ARG A 558 7.48 -3.99 -12.08
N LEU A 559 6.64 -4.64 -12.88
CA LEU A 559 5.53 -5.47 -12.40
C LEU A 559 5.68 -6.85 -13.00
N GLU A 560 6.10 -7.82 -12.19
CA GLU A 560 6.25 -9.18 -12.66
C GLU A 560 4.98 -9.94 -12.37
N TRP A 561 4.82 -11.12 -12.97
CA TRP A 561 3.75 -12.04 -12.60
C TRP A 561 4.09 -13.47 -13.01
N ARG A 562 3.42 -14.45 -12.40
CA ARG A 562 3.74 -15.86 -12.62
C ARG A 562 2.52 -16.77 -12.49
N GLY A 563 2.64 -17.97 -13.05
CA GLY A 563 1.55 -18.94 -13.06
C GLY A 563 1.64 -19.95 -11.95
N GLU A 564 1.21 -21.18 -12.24
CA GLU A 564 1.17 -22.26 -11.26
C GLU A 564 2.49 -23.04 -11.26
N GLY A 565 3.24 -22.91 -10.18
CA GLY A 565 4.48 -23.66 -10.00
C GLY A 565 5.58 -23.29 -10.98
N GLU A 566 5.92 -22.00 -11.01
CA GLU A 566 6.96 -21.49 -11.90
C GLU A 566 7.43 -20.13 -11.42
N ALA A 567 8.59 -19.71 -11.91
CA ALA A 567 9.09 -18.35 -11.63
C ALA A 567 8.33 -17.37 -12.52
N PRO A 568 8.48 -16.06 -12.26
CA PRO A 568 7.88 -15.09 -13.16
C PRO A 568 8.59 -15.05 -14.52
N GLN A 569 7.82 -15.32 -15.57
CA GLN A 569 8.36 -15.43 -16.93
C GLN A 569 8.12 -14.14 -17.73
N SER A 570 7.18 -13.31 -17.28
CA SER A 570 6.84 -12.05 -17.95
C SER A 570 6.85 -10.91 -16.94
N LEU A 571 6.92 -9.69 -17.46
CA LEU A 571 6.82 -8.49 -16.62
C LEU A 571 6.50 -7.27 -17.44
N LEU A 572 6.39 -6.14 -16.74
CA LEU A 572 6.07 -4.88 -17.35
C LEU A 572 6.79 -3.78 -16.59
N THR A 573 7.62 -3.01 -17.27
CA THR A 573 8.45 -2.01 -16.59
C THR A 573 7.61 -0.81 -16.25
N MET A 574 8.03 -0.08 -15.22
CA MET A 574 7.36 1.15 -14.86
C MET A 574 7.56 2.22 -15.94
N GLU A 575 8.65 2.11 -16.68
CA GLU A 575 8.94 3.00 -17.81
C GLU A 575 7.86 2.90 -18.89
N GLU A 576 7.41 1.67 -19.15
CA GLU A 576 6.38 1.40 -20.16
C GLU A 576 5.05 2.07 -19.86
N ILE A 577 4.70 2.14 -18.58
CA ILE A 577 3.37 2.58 -18.17
C ILE A 577 3.19 4.08 -18.37
N GLN A 578 2.16 4.48 -19.11
CA GLN A 578 1.85 5.90 -19.33
C GLN A 578 0.77 6.41 -18.37
N SER A 579 -0.26 5.58 -18.15
CA SER A 579 -1.36 5.88 -17.25
C SER A 579 -1.83 4.62 -16.52
N VAL A 580 -2.50 4.83 -15.40
CA VAL A 580 -3.25 3.78 -14.72
C VAL A 580 -4.66 4.28 -14.55
N GLU A 581 -5.60 3.73 -15.32
CA GLU A 581 -6.99 4.20 -15.29
C GLU A 581 -7.94 3.15 -14.75
N GLU A 582 -9.01 3.60 -14.09
N GLU A 582 -9.02 3.62 -14.12
CA GLU A 582 -10.08 2.70 -13.66
CA GLU A 582 -10.11 2.79 -13.67
C GLU A 582 -11.03 2.51 -14.82
C GLU A 582 -11.02 2.52 -14.87
N THR A 583 -11.42 1.26 -15.07
CA THR A 583 -12.33 0.94 -16.19
C THR A 583 -13.33 -0.19 -15.88
N GLN A 584 -14.35 -0.28 -16.72
CA GLN A 584 -15.43 -1.23 -16.56
C GLN A 584 -15.48 -2.25 -17.69
N ILE A 585 -15.58 -3.54 -17.35
CA ILE A 585 -15.85 -4.57 -18.34
C ILE A 585 -16.82 -5.63 -17.80
N LYS A 586 -17.93 -5.81 -18.52
CA LYS A 586 -18.99 -6.74 -18.12
C LYS A 586 -19.31 -6.56 -16.63
N GLU A 587 -19.67 -5.33 -16.26
CA GLU A 587 -19.98 -4.98 -14.87
C GLU A 587 -18.90 -5.40 -13.88
N ARG A 588 -17.64 -5.29 -14.30
CA ARG A 588 -16.52 -5.56 -13.40
C ARG A 588 -15.51 -4.43 -13.49
N LYS A 589 -15.10 -3.94 -12.33
CA LYS A 589 -14.10 -2.88 -12.24
C LYS A 589 -12.70 -3.44 -12.51
N CYS A 590 -12.01 -2.84 -13.48
CA CYS A 590 -10.65 -3.23 -13.84
C CYS A 590 -9.73 -2.03 -13.85
N LEU A 591 -8.44 -2.31 -13.86
CA LEU A 591 -7.44 -1.29 -14.08
C LEU A 591 -7.01 -1.34 -15.52
N LEU A 592 -6.85 -0.16 -16.13
CA LEU A 592 -6.40 -0.05 -17.51
C LEU A 592 -5.06 0.67 -17.57
N LEU A 593 -4.00 -0.09 -17.84
CA LEU A 593 -2.67 0.49 -18.01
C LEU A 593 -2.45 0.77 -19.49
N LYS A 594 -2.05 1.99 -19.79
CA LYS A 594 -1.66 2.35 -21.14
C LYS A 594 -0.14 2.27 -21.27
N ILE A 595 0.30 1.61 -22.33
CA ILE A 595 1.70 1.27 -22.53
C ILE A 595 2.27 2.01 -23.74
N ARG A 596 3.57 2.30 -23.67
CA ARG A 596 4.27 3.15 -24.64
C ARG A 596 3.92 2.89 -26.10
N GLY A 597 3.81 1.60 -26.47
CA GLY A 597 3.53 1.23 -27.85
C GLY A 597 2.08 1.43 -28.26
N GLY A 598 1.32 2.16 -27.44
CA GLY A 598 -0.12 2.24 -27.58
C GLY A 598 -0.81 1.00 -27.06
N LYS A 599 -0.03 0.12 -26.42
CA LYS A 599 -0.54 -1.17 -25.99
C LYS A 599 -1.34 -1.02 -24.67
N GLN A 600 -2.31 -1.91 -24.46
CA GLN A 600 -3.22 -1.87 -23.32
C GLN A 600 -3.02 -3.05 -22.38
N PHE A 601 -3.26 -2.80 -21.10
CA PHE A 601 -3.11 -3.84 -20.08
C PHE A 601 -4.22 -3.71 -19.07
N ILE A 602 -5.08 -4.74 -19.03
CA ILE A 602 -6.26 -4.75 -18.18
C ILE A 602 -6.07 -5.74 -17.04
N LEU A 603 -6.45 -5.33 -15.85
CA LEU A 603 -6.32 -6.17 -14.67
C LEU A 603 -7.57 -6.12 -13.83
N GLN A 604 -8.11 -7.29 -13.50
CA GLN A 604 -9.25 -7.41 -12.61
C GLN A 604 -8.72 -7.76 -11.23
N CYS A 605 -9.24 -7.07 -10.22
CA CYS A 605 -8.92 -7.43 -8.83
C CYS A 605 -10.08 -8.21 -8.23
N ASP A 606 -9.80 -8.83 -7.10
CA ASP A 606 -10.75 -9.74 -6.47
C ASP A 606 -11.66 -8.98 -5.51
N SER A 607 -11.27 -7.75 -5.17
CA SER A 607 -12.00 -6.94 -4.20
C SER A 607 -11.69 -5.45 -4.35
N ASP A 608 -12.56 -4.60 -3.83
CA ASP A 608 -12.38 -3.16 -3.89
C ASP A 608 -11.06 -2.72 -3.27
N PRO A 609 -10.79 -3.11 -2.01
CA PRO A 609 -9.53 -2.63 -1.45
C PRO A 609 -8.31 -3.00 -2.28
N GLU A 610 -8.33 -4.16 -2.94
CA GLU A 610 -7.24 -4.54 -3.82
C GLU A 610 -7.14 -3.58 -5.02
N LEU A 611 -8.26 -3.30 -5.66
CA LEU A 611 -8.30 -2.35 -6.76
C LEU A 611 -7.80 -0.99 -6.32
N VAL A 612 -8.33 -0.51 -5.20
CA VAL A 612 -7.93 0.79 -4.67
C VAL A 612 -6.44 0.87 -4.43
N GLN A 613 -5.88 -0.19 -3.88
CA GLN A 613 -4.46 -0.20 -3.49
C GLN A 613 -3.55 -0.45 -4.67
N TRP A 614 -3.94 -1.37 -5.56
CA TRP A 614 -3.14 -1.59 -6.75
C TRP A 614 -3.07 -0.33 -7.60
N LYS A 615 -4.18 0.38 -7.73
CA LYS A 615 -4.18 1.65 -8.46
C LYS A 615 -3.22 2.65 -7.83
N LYS A 616 -3.30 2.84 -6.52
CA LYS A 616 -2.46 3.84 -5.85
C LYS A 616 -1.00 3.50 -6.00
N GLU A 617 -0.67 2.25 -5.70
CA GLU A 617 0.73 1.85 -5.65
C GLU A 617 1.34 1.79 -7.05
N LEU A 618 0.59 1.34 -8.05
CA LEU A 618 1.04 1.38 -9.45
C LEU A 618 1.31 2.80 -9.88
N ARG A 619 0.33 3.66 -9.67
CA ARG A 619 0.49 5.08 -9.96
C ARG A 619 1.69 5.70 -9.24
N ASP A 620 1.87 5.35 -7.97
CA ASP A 620 3.01 5.84 -7.21
C ASP A 620 4.30 5.38 -7.87
N ALA A 621 4.39 4.09 -8.14
CA ALA A 621 5.63 3.52 -8.67
C ALA A 621 6.02 4.13 -10.01
N TYR A 622 5.09 4.10 -10.97
CA TYR A 622 5.41 4.49 -12.33
C TYR A 622 5.85 5.95 -12.39
N ARG A 623 5.21 6.81 -11.61
CA ARG A 623 5.60 8.22 -11.60
C ARG A 623 6.97 8.47 -10.97
N GLU A 624 7.28 7.67 -9.96
CA GLU A 624 8.49 7.87 -9.17
C GLU A 624 9.66 7.30 -9.93
N ALA A 625 9.47 6.10 -10.46
CA ALA A 625 10.50 5.46 -11.26
C ALA A 625 10.87 6.33 -12.43
N GLN A 626 9.88 6.85 -13.13
CA GLN A 626 10.14 7.65 -14.31
C GLN A 626 10.89 8.95 -14.00
N GLN A 627 10.51 9.61 -12.90
CA GLN A 627 11.21 10.80 -12.43
C GLN A 627 12.65 10.50 -12.04
N LEU A 628 12.86 9.30 -11.50
CA LEU A 628 14.16 8.84 -11.08
C LEU A 628 15.08 8.57 -12.28
N VAL A 629 14.64 7.69 -13.18
CA VAL A 629 15.39 7.34 -14.41
C VAL A 629 15.79 8.57 -15.20
N GLN A 630 14.85 9.49 -15.39
CA GLN A 630 15.11 10.82 -15.96
C GLN A 630 16.42 11.46 -15.47
N ARG A 631 16.82 11.17 -14.24
CA ARG A 631 18.03 11.74 -13.66
C ARG A 631 19.25 10.81 -13.67
N VAL A 632 19.20 9.76 -14.49
CA VAL A 632 20.23 8.73 -14.54
C VAL A 632 20.69 8.49 -15.98
N PRO A 633 21.82 9.09 -16.36
CA PRO A 633 22.32 9.02 -17.73
C PRO A 633 22.27 7.63 -18.40
N LYS A 634 22.66 6.57 -17.69
CA LYS A 634 22.67 5.22 -18.28
C LYS A 634 21.25 4.75 -18.63
N MET A 635 20.30 5.04 -17.74
CA MET A 635 18.93 4.52 -17.86
C MET A 635 17.98 5.39 -18.69
N LYS A 636 18.11 6.72 -18.56
CA LYS A 636 17.21 7.61 -19.26
C LYS A 636 17.25 7.36 -20.75
N ASN A 637 16.17 7.73 -21.43
CA ASN A 637 16.11 7.63 -22.86
C ASN A 637 16.70 8.91 -23.44
N LYS A 638 17.35 8.81 -24.60
CA LYS A 638 18.01 9.95 -25.25
C LYS A 638 17.53 10.11 -26.68
N PRO A 639 18.00 11.16 -27.38
CA PRO A 639 17.74 11.30 -28.82
C PRO A 639 18.37 10.20 -29.72
N ALA A 640 17.51 9.33 -30.26
CA ALA A 640 17.92 8.24 -31.16
C ALA A 640 17.56 8.57 -32.60
N SER B 1 43.05 39.57 -4.72
CA SER B 1 43.03 38.71 -3.49
C SER B 1 43.82 37.43 -3.72
N GLU B 2 43.94 36.63 -2.65
CA GLU B 2 44.55 35.31 -2.75
C GLU B 2 43.69 34.42 -3.62
N LEU B 3 42.37 34.48 -3.44
CA LEU B 3 41.45 33.64 -4.20
C LEU B 3 41.45 33.99 -5.69
N ASP B 4 41.58 35.28 -6.01
CA ASP B 4 41.66 35.72 -7.40
C ASP B 4 42.97 35.25 -8.04
N GLN B 5 44.08 35.39 -7.31
CA GLN B 5 45.39 34.91 -7.76
C GLN B 5 45.40 33.44 -8.14
N LEU B 6 44.72 32.59 -7.38
CA LEU B 6 44.71 31.16 -7.67
C LEU B 6 43.74 30.81 -8.80
N ARG B 7 42.81 31.70 -9.11
CA ARG B 7 41.93 31.53 -10.27
C ARG B 7 42.75 31.85 -11.51
N GLN B 8 43.58 32.86 -11.41
CA GLN B 8 44.48 33.29 -12.49
C GLN B 8 45.54 32.22 -12.75
N GLU B 9 46.26 31.84 -11.71
CA GLU B 9 47.35 30.86 -11.80
C GLU B 9 46.89 29.54 -12.39
N ALA B 10 45.65 29.15 -12.12
CA ALA B 10 45.09 27.92 -12.68
C ALA B 10 44.80 28.07 -14.17
N GLU B 11 44.59 29.31 -14.61
CA GLU B 11 44.30 29.58 -16.02
C GLU B 11 45.60 29.57 -16.82
N GLN B 12 46.63 30.21 -16.29
CA GLN B 12 47.95 30.18 -16.92
C GLN B 12 48.48 28.75 -16.94
N LEU B 13 48.21 27.99 -15.89
CA LEU B 13 48.64 26.59 -15.84
C LEU B 13 47.94 25.74 -16.89
N LYS B 14 46.69 26.05 -17.21
CA LYS B 14 45.95 25.29 -18.22
C LYS B 14 46.49 25.52 -19.63
N ASN B 15 46.97 26.72 -19.88
CA ASN B 15 47.61 27.04 -21.16
C ASN B 15 48.95 26.35 -21.31
N GLN B 16 49.79 26.49 -20.29
CA GLN B 16 51.07 25.81 -20.23
C GLN B 16 50.92 24.31 -20.54
N ILE B 17 49.77 23.74 -20.19
CA ILE B 17 49.52 22.34 -20.50
C ILE B 17 49.16 22.16 -21.97
N ARG B 18 48.30 23.03 -22.48
CA ARG B 18 47.88 22.95 -23.87
C ARG B 18 49.09 23.13 -24.78
N ASP B 19 49.86 24.19 -24.52
CA ASP B 19 51.09 24.48 -25.27
C ASP B 19 52.06 23.30 -25.30
N ALA B 20 52.33 22.73 -24.13
CA ALA B 20 53.17 21.54 -24.01
C ALA B 20 52.64 20.38 -24.86
N ARG B 21 51.32 20.28 -24.97
CA ARG B 21 50.69 19.28 -25.83
C ARG B 21 50.79 19.62 -27.31
N LYS B 22 50.71 20.90 -27.64
CA LYS B 22 50.87 21.32 -29.01
C LYS B 22 52.31 21.12 -29.45
N ALA B 23 53.24 21.34 -28.52
CA ALA B 23 54.66 21.18 -28.77
C ALA B 23 55.04 19.76 -29.19
N CYS B 24 54.21 18.77 -28.87
CA CYS B 24 54.46 17.39 -29.24
C CYS B 24 53.72 16.95 -30.49
N ALA B 25 52.74 17.75 -30.93
CA ALA B 25 51.96 17.41 -32.12
C ALA B 25 52.77 17.68 -33.39
N ASP B 26 53.78 16.86 -33.62
CA ASP B 26 54.63 16.95 -34.82
C ASP B 26 54.05 16.16 -35.98
N ALA B 27 53.29 15.12 -35.66
CA ALA B 27 52.56 14.36 -36.65
C ALA B 27 51.27 13.83 -36.04
N THR B 28 50.44 13.22 -36.88
CA THR B 28 49.22 12.62 -36.40
C THR B 28 49.37 11.14 -36.52
N LEU B 29 48.53 10.41 -35.78
CA LEU B 29 48.47 8.97 -35.92
C LEU B 29 48.08 8.59 -37.35
N SER B 30 47.19 9.38 -37.96
CA SER B 30 46.70 9.05 -39.31
C SER B 30 47.77 9.18 -40.37
N GLN B 31 48.65 10.18 -40.24
CA GLN B 31 49.80 10.31 -41.13
C GLN B 31 50.69 9.09 -40.97
N ILE B 32 51.05 8.79 -39.73
CA ILE B 32 51.94 7.68 -39.42
C ILE B 32 51.44 6.38 -40.01
N THR B 33 50.16 6.10 -39.85
CA THR B 33 49.57 4.83 -40.27
C THR B 33 49.07 4.86 -41.70
N ASN B 34 49.23 6.01 -42.35
CA ASN B 34 48.74 6.19 -43.71
C ASN B 34 49.23 5.11 -44.69
N ASN B 35 50.31 4.42 -44.32
CA ASN B 35 50.99 3.47 -45.20
C ASN B 35 50.42 2.05 -45.15
N ILE B 36 50.10 1.58 -43.95
CA ILE B 36 49.81 0.16 -43.74
C ILE B 36 48.50 -0.29 -44.34
N ASP B 37 48.41 -1.58 -44.59
CA ASP B 37 47.28 -2.15 -45.27
C ASP B 37 46.03 -2.04 -44.40
N PRO B 38 44.90 -1.60 -45.01
CA PRO B 38 43.64 -1.63 -44.28
C PRO B 38 43.26 -3.05 -43.89
N VAL B 39 42.37 -3.16 -42.93
CA VAL B 39 42.08 -4.43 -42.28
C VAL B 39 41.12 -5.34 -43.08
N GLY B 40 40.39 -4.74 -44.01
CA GLY B 40 39.37 -5.46 -44.75
C GLY B 40 38.09 -5.47 -43.94
N ARG B 41 36.97 -5.75 -44.59
CA ARG B 41 35.67 -5.72 -43.89
C ARG B 41 35.55 -6.93 -42.97
N ILE B 42 35.26 -6.65 -41.70
CA ILE B 42 35.13 -7.69 -40.68
C ILE B 42 33.72 -8.26 -40.76
N GLN B 43 33.63 -9.58 -40.84
CA GLN B 43 32.37 -10.25 -41.11
C GLN B 43 32.04 -11.20 -39.98
N MET B 44 31.54 -10.64 -38.89
CA MET B 44 31.12 -11.41 -37.73
C MET B 44 29.65 -11.74 -37.81
N ARG B 45 29.33 -12.99 -37.48
CA ARG B 45 27.95 -13.45 -37.39
C ARG B 45 27.62 -13.72 -35.93
N THR B 46 26.33 -13.85 -35.66
CA THR B 46 25.86 -14.17 -34.33
C THR B 46 25.94 -15.68 -34.11
N ARG B 47 26.85 -16.11 -33.24
CA ARG B 47 27.02 -17.53 -32.94
C ARG B 47 26.00 -17.96 -31.90
N ARG B 48 25.99 -17.28 -30.75
CA ARG B 48 25.07 -17.57 -29.66
C ARG B 48 24.12 -16.40 -29.44
N THR B 49 22.88 -16.73 -29.09
CA THR B 49 21.91 -15.75 -28.60
C THR B 49 21.53 -16.11 -27.16
N LEU B 50 21.98 -15.31 -26.20
CA LEU B 50 21.78 -15.62 -24.80
C LEU B 50 20.45 -15.07 -24.31
N ARG B 51 19.49 -15.97 -24.15
CA ARG B 51 18.11 -15.61 -23.79
C ARG B 51 17.86 -15.95 -22.33
N GLY B 52 17.20 -15.04 -21.60
CA GLY B 52 16.95 -15.25 -20.18
C GLY B 52 16.51 -14.02 -19.39
N HIS B 53 17.15 -12.88 -19.65
CA HIS B 53 16.76 -11.65 -18.98
C HIS B 53 15.39 -11.21 -19.46
N LEU B 54 14.59 -10.69 -18.54
CA LEU B 54 13.21 -10.28 -18.81
C LEU B 54 13.11 -8.81 -19.10
N ALA B 55 14.22 -8.09 -19.00
CA ALA B 55 14.22 -6.66 -19.27
C ALA B 55 15.58 -6.18 -19.76
N LYS B 56 15.62 -4.89 -20.10
CA LYS B 56 16.84 -4.20 -20.53
C LYS B 56 18.07 -4.73 -19.81
N ILE B 57 19.08 -5.09 -20.60
CA ILE B 57 20.41 -5.40 -20.06
C ILE B 57 21.20 -4.10 -20.01
N TYR B 58 21.74 -3.79 -18.83
CA TYR B 58 22.44 -2.53 -18.58
C TYR B 58 23.95 -2.64 -18.68
N ALA B 59 24.48 -3.86 -18.49
CA ALA B 59 25.93 -4.09 -18.38
C ALA B 59 26.28 -5.57 -18.42
N MET B 60 27.50 -5.87 -18.86
CA MET B 60 28.01 -7.24 -18.83
C MET B 60 29.53 -7.26 -18.57
N HIS B 61 30.06 -8.45 -18.29
CA HIS B 61 31.48 -8.61 -18.12
C HIS B 61 31.89 -10.07 -18.33
N TRP B 62 32.99 -10.28 -19.04
CA TRP B 62 33.49 -11.63 -19.32
C TRP B 62 34.36 -12.12 -18.17
N GLY B 63 34.35 -13.43 -17.97
CA GLY B 63 35.31 -14.08 -17.10
C GLY B 63 36.65 -14.09 -17.79
N THR B 64 37.72 -14.27 -17.02
CA THR B 64 39.04 -14.39 -17.59
C THR B 64 39.25 -15.72 -18.34
N ASP B 65 38.36 -16.69 -18.11
CA ASP B 65 38.38 -17.95 -18.84
C ASP B 65 37.90 -17.85 -20.30
N SER B 66 37.43 -16.67 -20.71
CA SER B 66 36.95 -16.43 -22.09
C SER B 66 35.78 -17.35 -22.43
N ARG B 67 34.86 -17.47 -21.47
CA ARG B 67 33.76 -18.43 -21.56
C ARG B 67 32.57 -18.05 -20.66
N LEU B 68 32.83 -17.93 -19.37
CA LEU B 68 31.80 -17.54 -18.42
C LEU B 68 31.70 -16.03 -18.44
N LEU B 69 30.48 -15.52 -18.34
CA LEU B 69 30.28 -14.08 -18.32
C LEU B 69 29.06 -13.71 -17.49
N VAL B 70 29.15 -12.60 -16.77
CA VAL B 70 28.07 -12.12 -15.92
C VAL B 70 27.35 -10.95 -16.59
N SER B 71 26.05 -10.82 -16.32
CA SER B 71 25.22 -9.75 -16.90
C SER B 71 24.19 -9.22 -15.90
N ALA B 72 23.93 -7.91 -15.99
CA ALA B 72 23.03 -7.19 -15.08
C ALA B 72 21.93 -6.49 -15.85
N SER B 73 20.69 -6.78 -15.49
CA SER B 73 19.53 -6.32 -16.21
C SER B 73 18.58 -5.56 -15.33
N GLN B 74 17.69 -4.83 -15.99
CA GLN B 74 16.60 -4.11 -15.37
C GLN B 74 15.67 -5.06 -14.61
N ASP B 75 15.67 -6.35 -14.95
CA ASP B 75 14.86 -7.34 -14.26
C ASP B 75 15.43 -7.68 -12.87
N GLY B 76 16.35 -6.86 -12.39
CA GLY B 76 16.82 -6.96 -11.02
C GLY B 76 17.58 -8.24 -10.70
N LYS B 77 18.14 -8.86 -11.75
CA LYS B 77 18.92 -10.09 -11.61
C LYS B 77 20.30 -9.98 -12.27
N LEU B 78 21.21 -10.84 -11.81
CA LEU B 78 22.45 -11.09 -12.51
C LEU B 78 22.43 -12.51 -13.01
N ILE B 79 22.87 -12.69 -14.25
CA ILE B 79 23.01 -14.02 -14.77
C ILE B 79 24.47 -14.24 -15.15
N ILE B 80 25.00 -15.36 -14.69
CA ILE B 80 26.30 -15.82 -15.11
C ILE B 80 26.05 -16.91 -16.14
N TRP B 81 26.47 -16.63 -17.37
CA TRP B 81 26.20 -17.49 -18.50
C TRP B 81 27.43 -18.29 -18.90
N ASP B 82 27.22 -19.55 -19.20
CA ASP B 82 28.20 -20.34 -19.95
C ASP B 82 27.97 -20.02 -21.42
N SER B 83 28.84 -19.18 -21.98
CA SER B 83 28.70 -18.70 -23.36
C SER B 83 28.80 -19.83 -24.38
N TYR B 84 29.58 -20.84 -24.05
CA TYR B 84 29.81 -21.94 -24.97
C TYR B 84 28.50 -22.68 -25.24
N THR B 85 27.78 -23.04 -24.18
CA THR B 85 26.52 -23.81 -24.29
C THR B 85 25.24 -22.99 -24.09
N THR B 86 25.36 -21.75 -23.61
CA THR B 86 24.21 -20.87 -23.31
C THR B 86 23.50 -21.24 -22.01
N ASN B 87 23.99 -22.27 -21.32
CA ASN B 87 23.47 -22.63 -20.01
C ASN B 87 23.75 -21.53 -18.99
N LYS B 88 22.74 -21.23 -18.19
CA LYS B 88 22.91 -20.34 -17.08
C LYS B 88 23.57 -21.11 -15.95
N VAL B 89 24.67 -20.57 -15.45
CA VAL B 89 25.39 -21.17 -14.34
C VAL B 89 24.67 -20.74 -13.08
N HIS B 90 24.47 -19.43 -12.95
CA HIS B 90 23.77 -18.84 -11.83
C HIS B 90 22.84 -17.75 -12.33
N ALA B 91 21.69 -17.64 -11.68
CA ALA B 91 20.82 -16.48 -11.79
C ALA B 91 20.74 -15.96 -10.38
N ILE B 92 20.96 -14.67 -10.21
CA ILE B 92 21.09 -14.11 -8.88
C ILE B 92 20.08 -12.98 -8.67
N PRO B 93 19.03 -13.25 -7.88
CA PRO B 93 18.11 -12.19 -7.47
C PRO B 93 18.80 -11.20 -6.54
N LEU B 94 18.83 -9.95 -6.98
CA LEU B 94 19.48 -8.87 -6.25
C LEU B 94 18.54 -8.24 -5.24
N ARG B 95 19.12 -7.64 -4.21
CA ARG B 95 18.32 -7.01 -3.16
C ARG B 95 17.79 -5.63 -3.56
N SER B 96 18.34 -5.05 -4.64
CA SER B 96 17.84 -3.80 -5.22
C SER B 96 17.56 -4.02 -6.70
N SER B 97 16.55 -3.34 -7.22
CA SER B 97 16.10 -3.53 -8.59
C SER B 97 16.89 -2.62 -9.54
N TRP B 98 17.52 -1.61 -8.96
CA TRP B 98 18.10 -0.53 -9.76
C TRP B 98 19.56 -0.73 -10.11
N VAL B 99 19.86 -1.92 -10.63
CA VAL B 99 21.22 -2.31 -10.94
C VAL B 99 21.65 -1.66 -12.27
N MET B 100 22.92 -1.28 -12.37
CA MET B 100 23.51 -0.64 -13.59
C MET B 100 24.80 -1.29 -14.09
N THR B 101 25.63 -1.74 -13.17
CA THR B 101 26.95 -2.27 -13.50
C THR B 101 27.14 -3.65 -12.88
N CYS B 102 27.90 -4.51 -13.55
CA CYS B 102 28.35 -5.76 -12.94
C CYS B 102 29.79 -6.03 -13.32
N ALA B 103 30.42 -6.91 -12.58
CA ALA B 103 31.81 -7.27 -12.81
C ALA B 103 32.07 -8.69 -12.39
N TYR B 104 33.04 -9.30 -13.06
CA TYR B 104 33.45 -10.66 -12.78
C TYR B 104 34.88 -10.60 -12.22
N ALA B 105 35.15 -11.31 -11.13
CA ALA B 105 36.49 -11.31 -10.55
C ALA B 105 37.48 -12.12 -11.41
N PRO B 106 38.74 -11.68 -11.44
CA PRO B 106 39.76 -12.39 -12.20
C PRO B 106 39.77 -13.88 -11.92
N SER B 107 39.75 -14.25 -10.65
CA SER B 107 39.74 -15.65 -10.26
C SER B 107 38.50 -16.38 -10.79
N GLY B 108 37.38 -15.67 -10.87
CA GLY B 108 36.09 -16.25 -11.21
C GLY B 108 35.35 -16.79 -10.00
N ASN B 109 35.74 -16.32 -8.82
CA ASN B 109 35.15 -16.76 -7.56
C ASN B 109 34.07 -15.81 -7.06
N TYR B 110 34.36 -14.51 -7.11
CA TYR B 110 33.40 -13.48 -6.75
C TYR B 110 32.87 -12.78 -8.00
N VAL B 111 31.70 -12.14 -7.87
CA VAL B 111 31.24 -11.15 -8.84
C VAL B 111 30.66 -9.96 -8.10
N ALA B 112 30.59 -8.83 -8.77
CA ALA B 112 30.11 -7.62 -8.13
C ALA B 112 29.07 -6.93 -8.98
N CYS B 113 28.27 -6.10 -8.33
CA CYS B 113 27.27 -5.28 -9.01
C CYS B 113 26.79 -4.18 -8.10
N GLY B 114 26.01 -3.27 -8.67
CA GLY B 114 25.47 -2.15 -7.93
C GLY B 114 24.74 -1.22 -8.87
N GLY B 115 24.33 -0.08 -8.36
CA GLY B 115 23.52 0.85 -9.14
C GLY B 115 22.97 1.93 -8.25
N LEU B 116 21.64 2.09 -8.24
CA LEU B 116 21.04 3.20 -7.51
C LEU B 116 20.91 2.90 -6.01
N ASP B 117 21.18 1.65 -5.64
CA ASP B 117 21.37 1.29 -4.22
C ASP B 117 22.54 2.05 -3.55
N ASN B 118 23.48 2.55 -4.37
CA ASN B 118 24.69 3.28 -3.92
C ASN B 118 25.73 2.38 -3.28
N ILE B 119 25.68 1.11 -3.64
CA ILE B 119 26.43 0.07 -2.94
C ILE B 119 27.04 -0.90 -3.94
N CYS B 120 28.30 -1.26 -3.71
CA CYS B 120 28.93 -2.35 -4.44
C CYS B 120 28.77 -3.67 -3.68
N SER B 121 27.90 -4.52 -4.20
CA SER B 121 27.58 -5.80 -3.59
C SER B 121 28.44 -6.89 -4.19
N ILE B 122 29.23 -7.53 -3.34
CA ILE B 122 30.12 -8.59 -3.77
C ILE B 122 29.41 -9.91 -3.48
N TYR B 123 29.47 -10.84 -4.44
CA TYR B 123 28.82 -12.13 -4.34
C TYR B 123 29.81 -13.30 -4.50
N ASN B 124 30.04 -14.05 -3.43
CA ASN B 124 30.83 -15.27 -3.51
C ASN B 124 30.02 -16.36 -4.19
N LEU B 125 30.60 -16.98 -5.20
CA LEU B 125 29.88 -17.97 -6.00
C LEU B 125 30.01 -19.39 -5.44
N LYS B 126 31.19 -19.72 -4.92
CA LYS B 126 31.45 -21.07 -4.42
C LYS B 126 31.27 -21.16 -2.91
N THR B 127 30.03 -21.01 -2.46
CA THR B 127 29.72 -21.08 -1.02
C THR B 127 29.86 -22.51 -0.54
N ARG B 128 29.81 -22.69 0.77
CA ARG B 128 30.10 -23.99 1.38
C ARG B 128 29.05 -25.09 1.13
N GLU B 129 27.93 -24.77 0.49
CA GLU B 129 26.93 -25.81 0.14
C GLU B 129 26.24 -25.59 -1.22
N GLY B 130 26.97 -25.06 -2.20
CA GLY B 130 26.47 -24.96 -3.56
C GLY B 130 25.72 -23.69 -3.91
N ASN B 131 25.34 -22.90 -2.90
CA ASN B 131 24.54 -21.70 -3.10
C ASN B 131 25.38 -20.50 -3.54
N VAL B 132 24.72 -19.35 -3.64
CA VAL B 132 25.40 -18.07 -3.83
C VAL B 132 24.84 -17.13 -2.78
N ARG B 133 25.67 -16.23 -2.26
CA ARG B 133 25.17 -15.21 -1.35
C ARG B 133 26.09 -14.03 -1.25
N VAL B 134 25.54 -12.90 -0.83
CA VAL B 134 26.31 -11.67 -0.73
C VAL B 134 27.35 -11.80 0.37
N SER B 135 28.61 -11.69 0.00
CA SER B 135 29.71 -11.78 0.95
C SER B 135 29.95 -10.43 1.62
N ARG B 136 29.69 -9.36 0.88
CA ARG B 136 29.94 -8.01 1.37
C ARG B 136 29.12 -6.97 0.59
N GLU B 137 28.66 -5.95 1.31
CA GLU B 137 28.00 -4.79 0.69
C GLU B 137 28.84 -3.55 0.98
N LEU B 138 29.59 -3.12 -0.03
CA LEU B 138 30.50 -1.98 0.10
C LEU B 138 29.74 -0.67 0.05
N ALA B 139 29.64 -0.02 1.20
CA ALA B 139 28.85 1.19 1.30
C ALA B 139 29.73 2.34 1.71
N GLY B 140 29.53 3.48 1.07
CA GLY B 140 30.33 4.67 1.30
C GLY B 140 30.07 5.77 0.30
N HIS B 141 29.86 5.38 -0.96
CA HIS B 141 29.50 6.34 -1.99
C HIS B 141 28.18 7.04 -1.64
N THR B 142 28.14 8.36 -1.89
CA THR B 142 26.94 9.15 -1.71
C THR B 142 26.20 9.35 -3.04
N GLY B 143 26.50 8.51 -4.02
CA GLY B 143 25.81 8.54 -5.31
C GLY B 143 25.69 7.13 -5.84
N TYR B 144 25.08 6.98 -7.03
CA TYR B 144 24.86 5.64 -7.57
C TYR B 144 26.19 5.01 -7.98
N LEU B 145 26.20 3.68 -8.09
CA LEU B 145 27.38 2.97 -8.60
C LEU B 145 27.29 2.91 -10.12
N SER B 146 28.27 3.52 -10.77
CA SER B 146 28.30 3.60 -12.23
C SER B 146 29.08 2.46 -12.84
N CYS B 147 30.13 2.04 -12.14
CA CYS B 147 30.99 0.95 -12.59
C CYS B 147 31.86 0.43 -11.46
N CYS B 148 32.37 -0.78 -11.62
CA CYS B 148 33.22 -1.41 -10.62
C CYS B 148 34.06 -2.54 -11.22
N ARG B 149 35.35 -2.57 -10.88
CA ARG B 149 36.28 -3.60 -11.37
C ARG B 149 37.20 -4.11 -10.26
N PHE B 150 37.27 -5.43 -10.12
CA PHE B 150 38.17 -6.08 -9.17
C PHE B 150 39.62 -5.86 -9.57
N LEU B 151 40.48 -5.62 -8.58
CA LEU B 151 41.92 -5.73 -8.79
C LEU B 151 42.29 -7.18 -8.60
N ASP B 152 41.88 -7.74 -7.47
CA ASP B 152 42.02 -9.15 -7.19
C ASP B 152 40.82 -9.50 -6.35
N ASP B 153 40.81 -10.69 -5.77
CA ASP B 153 39.71 -11.10 -4.89
C ASP B 153 39.60 -10.28 -3.61
N ASN B 154 40.66 -9.57 -3.23
CA ASN B 154 40.61 -8.77 -2.02
C ASN B 154 40.50 -7.26 -2.24
N GLN B 155 40.51 -6.81 -3.49
CA GLN B 155 40.44 -5.39 -3.78
C GLN B 155 39.59 -5.10 -4.99
N ILE B 156 38.93 -3.94 -4.97
CA ILE B 156 38.04 -3.55 -6.06
C ILE B 156 37.92 -2.03 -6.18
N VAL B 157 37.68 -1.57 -7.40
CA VAL B 157 37.61 -0.15 -7.68
C VAL B 157 36.28 0.19 -8.27
N THR B 158 35.66 1.24 -7.73
CA THR B 158 34.32 1.64 -8.12
C THR B 158 34.29 3.07 -8.56
N SER B 159 33.36 3.37 -9.47
CA SER B 159 33.08 4.72 -9.90
C SER B 159 31.67 5.04 -9.47
N SER B 160 31.34 6.32 -9.36
CA SER B 160 30.05 6.70 -8.82
C SER B 160 29.55 8.04 -9.33
N GLY B 161 28.24 8.19 -9.30
CA GLY B 161 27.59 9.45 -9.66
C GLY B 161 27.78 10.55 -8.64
N ASP B 162 28.53 10.26 -7.56
CA ASP B 162 28.94 11.31 -6.62
C ASP B 162 30.26 11.97 -7.07
N THR B 163 30.63 11.74 -8.33
CA THR B 163 31.81 12.33 -8.99
C THR B 163 33.15 11.81 -8.45
N THR B 164 33.13 10.65 -7.79
CA THR B 164 34.36 10.05 -7.28
C THR B 164 34.45 8.59 -7.63
N CYS B 165 35.67 8.07 -7.62
CA CYS B 165 35.94 6.64 -7.69
C CYS B 165 36.54 6.22 -6.35
N ALA B 166 36.68 4.92 -6.14
CA ALA B 166 37.18 4.46 -4.87
C ALA B 166 37.76 3.06 -4.93
N LEU B 167 38.70 2.81 -4.04
CA LEU B 167 39.32 1.52 -3.91
C LEU B 167 38.88 0.97 -2.57
N TRP B 168 38.43 -0.28 -2.56
CA TRP B 168 37.92 -0.90 -1.36
C TRP B 168 38.77 -2.10 -0.96
N ASP B 169 38.87 -2.32 0.34
CA ASP B 169 39.42 -3.55 0.90
C ASP B 169 38.27 -4.48 1.25
N ILE B 170 38.06 -5.48 0.40
CA ILE B 170 36.86 -6.32 0.47
C ILE B 170 36.74 -7.04 1.82
N GLU B 171 37.85 -7.57 2.34
CA GLU B 171 37.81 -8.28 3.62
C GLU B 171 37.13 -7.46 4.72
N THR B 172 37.54 -6.19 4.85
CA THR B 172 37.04 -5.31 5.92
C THR B 172 35.92 -4.38 5.47
N GLY B 173 35.67 -4.33 4.17
CA GLY B 173 34.65 -3.45 3.61
C GLY B 173 35.00 -1.96 3.62
N GLN B 174 36.27 -1.65 3.89
CA GLN B 174 36.71 -0.26 4.03
C GLN B 174 36.94 0.43 2.70
N GLN B 175 36.90 1.76 2.74
CA GLN B 175 37.20 2.57 1.58
C GLN B 175 38.65 3.03 1.74
N THR B 176 39.54 2.29 1.10
CA THR B 176 41.00 2.50 1.19
C THR B 176 41.39 3.83 0.57
N THR B 177 41.00 4.03 -0.69
CA THR B 177 41.36 5.23 -1.41
C THR B 177 40.14 5.86 -2.07
N THR B 178 40.10 7.19 -2.09
CA THR B 178 39.08 7.92 -2.85
C THR B 178 39.76 8.76 -3.90
N PHE B 179 39.16 8.80 -5.08
CA PHE B 179 39.72 9.46 -6.23
C PHE B 179 38.80 10.61 -6.60
N THR B 180 38.96 11.70 -5.85
CA THR B 180 38.25 12.94 -6.10
C THR B 180 38.93 13.70 -7.24
N GLY B 181 38.14 14.41 -8.03
CA GLY B 181 38.69 15.23 -9.11
C GLY B 181 37.69 15.61 -10.18
N HIS B 182 36.96 14.60 -10.68
CA HIS B 182 35.88 14.84 -11.63
C HIS B 182 34.87 15.83 -11.07
N THR B 183 34.26 16.59 -11.97
CA THR B 183 33.27 17.59 -11.59
C THR B 183 31.86 17.16 -11.96
N GLY B 184 31.71 15.93 -12.48
CA GLY B 184 30.42 15.41 -12.88
C GLY B 184 30.34 13.92 -12.65
N ASP B 185 29.15 13.35 -12.83
CA ASP B 185 28.91 11.93 -12.59
C ASP B 185 29.98 11.13 -13.31
N VAL B 186 30.64 10.22 -12.59
CA VAL B 186 31.56 9.28 -13.22
C VAL B 186 30.70 8.14 -13.78
N MET B 187 31.05 7.70 -14.98
CA MET B 187 30.19 6.84 -15.80
C MET B 187 30.82 5.50 -16.13
N SER B 188 32.14 5.41 -16.02
CA SER B 188 32.85 4.22 -16.47
C SER B 188 34.30 4.29 -16.04
N LEU B 189 34.93 3.13 -15.89
CA LEU B 189 36.37 3.07 -15.68
C LEU B 189 36.99 1.85 -16.38
N SER B 190 38.30 1.92 -16.60
CA SER B 190 39.02 0.76 -17.10
C SER B 190 40.38 0.63 -16.41
N LEU B 191 40.69 -0.60 -16.01
CA LEU B 191 41.93 -0.90 -15.32
C LEU B 191 43.05 -1.11 -16.32
N ALA B 192 44.23 -0.57 -16.01
CA ALA B 192 45.42 -0.88 -16.77
C ALA B 192 45.75 -2.35 -16.51
N PRO B 193 46.36 -3.04 -17.49
CA PRO B 193 46.71 -4.45 -17.31
C PRO B 193 47.67 -4.71 -16.16
N ASP B 194 48.59 -3.77 -15.92
CA ASP B 194 49.41 -3.79 -14.70
C ASP B 194 48.57 -3.59 -13.44
N THR B 195 47.50 -2.83 -13.56
CA THR B 195 46.56 -2.52 -12.46
C THR B 195 47.20 -1.67 -11.37
N ARG B 196 48.24 -0.92 -11.73
CA ARG B 196 48.73 0.16 -10.89
C ARG B 196 48.03 1.46 -11.28
N LEU B 197 47.34 1.43 -12.43
CA LEU B 197 46.68 2.60 -12.96
C LEU B 197 45.30 2.24 -13.46
N PHE B 198 44.42 3.24 -13.47
CA PHE B 198 43.14 3.13 -14.13
C PHE B 198 42.67 4.50 -14.61
N VAL B 199 41.71 4.47 -15.52
CA VAL B 199 41.12 5.69 -16.05
C VAL B 199 39.63 5.70 -15.80
N SER B 200 39.07 6.90 -15.85
CA SER B 200 37.66 7.11 -15.61
C SER B 200 37.14 8.08 -16.62
N GLY B 201 35.89 7.87 -17.02
CA GLY B 201 35.16 8.73 -17.96
C GLY B 201 33.89 9.23 -17.30
N ALA B 202 33.56 10.48 -17.55
CA ALA B 202 32.56 11.18 -16.73
C ALA B 202 31.68 12.10 -17.56
N CYS B 203 30.68 12.69 -16.89
CA CYS B 203 29.72 13.57 -17.54
C CYS B 203 30.22 14.99 -17.61
N ASP B 204 31.37 15.25 -16.99
CA ASP B 204 32.08 16.52 -17.20
C ASP B 204 32.86 16.54 -18.53
N ALA B 205 32.71 15.45 -19.29
CA ALA B 205 33.28 15.31 -20.63
C ALA B 205 34.79 15.23 -20.58
N SER B 206 35.33 14.77 -19.46
CA SER B 206 36.77 14.53 -19.33
C SER B 206 37.02 13.09 -18.93
N ALA B 207 38.20 12.60 -19.24
CA ALA B 207 38.68 11.33 -18.74
C ALA B 207 39.85 11.62 -17.82
N LYS B 208 40.11 10.72 -16.89
CA LYS B 208 41.23 10.92 -15.99
C LYS B 208 42.04 9.65 -15.75
N LEU B 209 43.34 9.85 -15.62
CA LEU B 209 44.27 8.78 -15.31
C LEU B 209 44.60 8.87 -13.82
N TRP B 210 44.42 7.76 -13.10
CA TRP B 210 44.65 7.70 -11.67
C TRP B 210 45.68 6.64 -11.35
N ASP B 211 46.55 6.93 -10.40
CA ASP B 211 47.41 5.90 -9.82
C ASP B 211 46.68 5.25 -8.65
N VAL B 212 46.46 3.95 -8.76
CA VAL B 212 45.80 3.17 -7.72
C VAL B 212 46.52 3.31 -6.39
N ARG B 213 47.80 2.96 -6.37
CA ARG B 213 48.54 2.90 -5.14
C ARG B 213 48.69 4.29 -4.51
N GLU B 214 48.98 5.29 -5.35
CA GLU B 214 49.25 6.64 -4.85
C GLU B 214 47.96 7.40 -4.58
N GLY B 215 46.88 6.99 -5.23
CA GLY B 215 45.56 7.55 -4.96
C GLY B 215 45.33 8.96 -5.45
N MET B 216 45.99 9.34 -6.54
CA MET B 216 45.82 10.67 -7.11
C MET B 216 45.72 10.62 -8.63
N CYS B 217 45.29 11.73 -9.20
CA CYS B 217 45.14 11.88 -10.66
C CYS B 217 46.45 12.34 -11.27
N ARG B 218 46.87 11.67 -12.34
CA ARG B 218 48.11 12.00 -13.03
C ARG B 218 47.87 12.90 -14.23
N GLN B 219 46.82 12.62 -14.99
CA GLN B 219 46.54 13.31 -16.24
C GLN B 219 45.04 13.41 -16.49
N THR B 220 44.63 14.49 -17.15
CA THR B 220 43.22 14.76 -17.45
C THR B 220 43.03 15.01 -18.93
N PHE B 221 42.32 14.10 -19.60
CA PHE B 221 42.11 14.21 -21.04
C PHE B 221 40.73 14.75 -21.34
N THR B 222 40.70 15.91 -22.00
CA THR B 222 39.46 16.51 -22.47
C THR B 222 39.41 16.50 -24.00
N GLY B 223 38.27 16.87 -24.57
CA GLY B 223 38.11 16.89 -26.03
C GLY B 223 36.68 16.66 -26.49
N HIS B 224 36.02 15.68 -25.86
CA HIS B 224 34.64 15.33 -26.16
C HIS B 224 33.72 16.51 -25.89
N GLU B 225 32.70 16.68 -26.72
CA GLU B 225 31.71 17.73 -26.51
C GLU B 225 30.62 17.35 -25.47
N SER B 226 30.43 16.07 -25.23
CA SER B 226 29.35 15.59 -24.36
C SER B 226 29.85 14.54 -23.36
N ASP B 227 28.93 13.88 -22.68
CA ASP B 227 29.26 12.95 -21.59
C ASP B 227 29.98 11.72 -22.08
N ILE B 228 30.98 11.28 -21.33
CA ILE B 228 31.72 10.08 -21.68
C ILE B 228 31.07 8.90 -20.96
N ASN B 229 30.47 8.00 -21.74
CA ASN B 229 29.71 6.87 -21.21
C ASN B 229 30.52 5.60 -21.06
N ALA B 230 31.62 5.48 -21.82
CA ALA B 230 32.46 4.28 -21.78
C ALA B 230 33.96 4.57 -21.99
N ILE B 231 34.78 3.61 -21.62
CA ILE B 231 36.21 3.78 -21.63
C ILE B 231 36.89 2.41 -21.54
N CYS B 232 37.93 2.20 -22.34
N CYS B 232 37.96 2.24 -22.31
CA CYS B 232 38.73 0.96 -22.30
CA CYS B 232 38.73 1.00 -22.33
C CYS B 232 40.19 1.26 -22.65
C CYS B 232 40.19 1.27 -22.66
N PHE B 233 41.10 0.57 -21.98
CA PHE B 233 42.52 0.67 -22.24
C PHE B 233 42.90 -0.07 -23.53
N PHE B 234 43.91 0.47 -24.21
CA PHE B 234 44.58 -0.22 -25.28
C PHE B 234 45.33 -1.39 -24.63
N PRO B 235 45.48 -2.52 -25.33
CA PRO B 235 46.05 -3.70 -24.66
C PRO B 235 47.41 -3.52 -24.00
N ASN B 236 48.23 -2.58 -24.49
CA ASN B 236 49.55 -2.30 -23.89
C ASN B 236 49.52 -1.27 -22.74
N GLY B 237 48.36 -0.64 -22.52
CA GLY B 237 48.20 0.26 -21.41
C GLY B 237 48.91 1.59 -21.55
N ASN B 238 49.27 1.98 -22.76
CA ASN B 238 49.87 3.30 -23.02
C ASN B 238 48.85 4.27 -23.60
N ALA B 239 47.64 3.75 -23.82
CA ALA B 239 46.58 4.54 -24.44
C ALA B 239 45.24 3.93 -24.12
N PHE B 240 44.20 4.74 -24.33
CA PHE B 240 42.84 4.34 -24.02
C PHE B 240 41.83 5.01 -24.94
N ALA B 241 40.71 4.33 -25.10
CA ALA B 241 39.62 4.80 -25.94
C ALA B 241 38.41 5.18 -25.09
N THR B 242 37.72 6.23 -25.53
CA THR B 242 36.53 6.73 -24.86
C THR B 242 35.37 6.75 -25.85
N GLY B 243 34.16 6.72 -25.33
CA GLY B 243 32.94 6.78 -26.14
C GLY B 243 31.94 7.67 -25.45
N SER B 244 31.30 8.56 -26.21
CA SER B 244 30.48 9.60 -25.61
C SER B 244 29.15 9.81 -26.30
N ASP B 245 28.32 10.59 -25.61
CA ASP B 245 27.05 11.06 -26.15
C ASP B 245 27.27 11.93 -27.37
N ASP B 246 28.50 12.38 -27.60
CA ASP B 246 28.80 13.25 -28.75
C ASP B 246 28.93 12.50 -30.10
N ALA B 247 28.62 11.20 -30.09
CA ALA B 247 28.60 10.35 -31.30
C ALA B 247 30.01 9.99 -31.81
N THR B 248 31.03 10.29 -31.01
CA THR B 248 32.40 9.99 -31.40
C THR B 248 33.04 9.12 -30.35
N CYS B 249 33.95 8.26 -30.80
CA CYS B 249 34.96 7.66 -29.94
C CYS B 249 36.25 8.39 -30.18
N ARG B 250 37.12 8.35 -29.18
CA ARG B 250 38.38 9.03 -29.26
C ARG B 250 39.47 8.17 -28.64
N LEU B 251 40.70 8.39 -29.10
CA LEU B 251 41.87 7.63 -28.67
C LEU B 251 42.86 8.59 -28.02
N PHE B 252 43.21 8.32 -26.77
CA PHE B 252 44.14 9.18 -26.06
C PHE B 252 45.38 8.41 -25.74
N ASP B 253 46.55 9.01 -26.02
CA ASP B 253 47.82 8.43 -25.61
C ASP B 253 48.23 9.11 -24.32
N LEU B 254 48.79 8.30 -23.43
CA LEU B 254 49.17 8.77 -22.11
C LEU B 254 50.48 9.53 -22.18
N ARG B 255 51.48 8.94 -22.85
CA ARG B 255 52.83 9.50 -22.87
C ARG B 255 52.91 10.79 -23.70
N ALA B 256 52.19 10.82 -24.82
CA ALA B 256 52.01 12.06 -25.59
C ALA B 256 51.06 13.01 -24.87
N ASP B 257 50.23 12.44 -23.99
CA ASP B 257 49.32 13.20 -23.12
C ASP B 257 48.30 14.00 -23.95
N GLN B 258 47.63 13.33 -24.89
CA GLN B 258 46.64 13.97 -25.75
C GLN B 258 45.93 13.00 -26.66
N GLU B 259 44.92 13.53 -27.34
CA GLU B 259 44.12 12.80 -28.31
C GLU B 259 44.92 12.53 -29.60
N LEU B 260 44.79 11.31 -30.10
CA LEU B 260 45.45 10.89 -31.33
C LEU B 260 44.49 10.71 -32.51
N MET B 261 43.25 10.38 -32.20
CA MET B 261 42.31 9.96 -33.23
C MET B 261 40.87 10.20 -32.75
N THR B 262 39.99 10.38 -33.72
CA THR B 262 38.56 10.47 -33.51
C THR B 262 37.86 9.52 -34.48
N TYR B 263 36.92 8.74 -33.94
CA TYR B 263 36.22 7.73 -34.71
C TYR B 263 34.77 8.14 -34.85
N SER B 264 34.40 8.55 -36.04
CA SER B 264 33.12 9.17 -36.26
C SER B 264 32.75 9.22 -37.74
N HIS B 265 31.50 9.56 -37.97
CA HIS B 265 30.95 9.56 -39.28
C HIS B 265 29.69 10.40 -39.24
N ASP B 266 29.31 10.95 -40.37
CA ASP B 266 28.15 11.83 -40.47
C ASP B 266 26.82 11.06 -40.42
N ASN B 267 26.85 9.79 -40.82
CA ASN B 267 25.68 8.90 -40.67
C ASN B 267 25.50 8.35 -39.26
N ILE B 268 26.34 8.76 -38.32
CA ILE B 268 26.14 8.41 -36.91
C ILE B 268 25.94 9.69 -36.10
N ILE B 269 24.74 9.85 -35.58
CA ILE B 269 24.39 10.99 -34.73
C ILE B 269 24.24 10.56 -33.27
N CYS B 270 23.91 9.29 -33.06
CA CYS B 270 23.53 8.82 -31.73
C CYS B 270 24.76 8.39 -30.94
N GLY B 271 24.61 8.29 -29.63
CA GLY B 271 25.74 8.16 -28.73
C GLY B 271 26.28 6.76 -28.56
N ILE B 272 27.54 6.70 -28.13
CA ILE B 272 28.24 5.46 -27.87
C ILE B 272 28.03 5.08 -26.42
N THR B 273 27.67 3.83 -26.19
CA THR B 273 27.35 3.31 -24.86
C THR B 273 28.50 2.52 -24.24
N SER B 274 29.32 1.92 -25.10
CA SER B 274 30.36 0.98 -24.70
C SER B 274 31.52 0.92 -25.71
N VAL B 275 32.71 0.59 -25.23
CA VAL B 275 33.89 0.42 -26.08
C VAL B 275 34.72 -0.77 -25.61
N SER B 276 35.40 -1.40 -26.56
CA SER B 276 36.35 -2.47 -26.22
C SER B 276 37.29 -2.69 -27.39
N PHE B 277 38.55 -2.99 -27.09
CA PHE B 277 39.54 -3.29 -28.12
C PHE B 277 39.56 -4.79 -28.42
N SER B 278 39.93 -5.13 -29.66
CA SER B 278 40.25 -6.50 -30.00
C SER B 278 41.60 -6.84 -29.38
N LYS B 279 41.93 -8.12 -29.31
CA LYS B 279 43.11 -8.59 -28.56
C LYS B 279 44.43 -7.85 -28.90
N SER B 280 44.67 -7.59 -30.19
CA SER B 280 45.88 -6.87 -30.64
C SER B 280 45.73 -5.36 -30.55
N GLY B 281 44.50 -4.89 -30.34
CA GLY B 281 44.23 -3.46 -30.24
C GLY B 281 44.01 -2.82 -31.59
N ARG B 282 44.09 -3.61 -32.67
CA ARG B 282 43.91 -3.07 -34.00
C ARG B 282 42.47 -2.66 -34.26
N LEU B 283 41.52 -3.44 -33.74
CA LEU B 283 40.11 -3.10 -33.86
C LEU B 283 39.58 -2.44 -32.61
N LEU B 284 38.81 -1.38 -32.81
CA LEU B 284 38.07 -0.75 -31.73
C LEU B 284 36.58 -0.96 -31.95
N LEU B 285 35.94 -1.68 -31.02
CA LEU B 285 34.53 -1.99 -31.12
C LEU B 285 33.75 -1.01 -30.27
N ALA B 286 32.63 -0.54 -30.82
CA ALA B 286 31.79 0.41 -30.11
C ALA B 286 30.32 0.07 -30.28
N GLY B 287 29.61 0.07 -29.15
CA GLY B 287 28.16 -0.11 -29.10
C GLY B 287 27.46 1.23 -29.06
N TYR B 288 26.38 1.33 -29.82
CA TYR B 288 25.71 2.60 -30.09
C TYR B 288 24.21 2.56 -29.72
N ASP B 289 23.62 3.75 -29.64
CA ASP B 289 22.19 3.90 -29.33
C ASP B 289 21.28 3.62 -30.56
N ASP B 290 21.87 3.34 -31.72
CA ASP B 290 21.08 2.97 -32.90
C ASP B 290 21.01 1.46 -33.10
N PHE B 291 21.28 0.71 -32.03
CA PHE B 291 21.14 -0.76 -32.00
C PHE B 291 22.29 -1.53 -32.65
N ASN B 292 23.25 -0.82 -33.24
CA ASN B 292 24.40 -1.45 -33.87
C ASN B 292 25.65 -1.27 -33.04
N CYS B 293 26.56 -2.22 -33.17
CA CYS B 293 27.90 -2.01 -32.69
C CYS B 293 28.73 -1.81 -33.94
N ASN B 294 29.60 -0.80 -33.90
CA ASN B 294 30.52 -0.58 -35.01
C ASN B 294 31.93 -1.00 -34.66
N VAL B 295 32.58 -1.57 -35.67
CA VAL B 295 33.96 -2.03 -35.55
C VAL B 295 34.81 -1.04 -36.32
N TRP B 296 35.82 -0.52 -35.63
CA TRP B 296 36.64 0.55 -36.14
C TRP B 296 38.09 0.13 -36.25
N ASP B 297 38.73 0.55 -37.34
CA ASP B 297 40.19 0.45 -37.49
C ASP B 297 40.81 1.48 -36.55
N ALA B 298 41.31 1.00 -35.42
CA ALA B 298 41.92 1.83 -34.39
C ALA B 298 43.07 2.70 -34.92
N LEU B 299 43.70 2.28 -36.02
CA LEU B 299 44.88 2.97 -36.55
C LEU B 299 44.56 3.93 -37.69
N LYS B 300 43.56 3.60 -38.49
CA LYS B 300 43.20 4.41 -39.66
C LYS B 300 41.85 5.11 -39.50
N ALA B 301 41.08 4.75 -38.47
CA ALA B 301 39.79 5.37 -38.16
C ALA B 301 38.72 5.18 -39.23
N ASP B 302 38.88 4.15 -40.05
CA ASP B 302 37.89 3.84 -41.06
C ASP B 302 36.94 2.90 -40.38
N ARG B 303 35.68 2.97 -40.75
CA ARG B 303 34.71 2.05 -40.19
C ARG B 303 34.86 0.76 -40.97
N ALA B 304 35.14 -0.33 -40.28
CA ALA B 304 35.43 -1.60 -40.93
C ALA B 304 34.22 -2.54 -40.93
N GLY B 305 33.60 -2.69 -39.77
CA GLY B 305 32.51 -3.61 -39.59
C GLY B 305 31.40 -3.02 -38.78
N VAL B 306 30.25 -3.69 -38.82
CA VAL B 306 29.03 -3.24 -38.17
C VAL B 306 28.26 -4.46 -37.66
N LEU B 307 28.18 -4.64 -36.34
CA LEU B 307 27.41 -5.73 -35.74
C LEU B 307 25.94 -5.33 -35.60
N ALA B 308 25.12 -5.82 -36.51
CA ALA B 308 23.69 -5.50 -36.51
C ALA B 308 22.84 -6.75 -36.23
N GLY B 309 22.21 -6.76 -35.06
CA GLY B 309 21.30 -7.84 -34.70
C GLY B 309 20.21 -7.32 -33.79
N HIS B 310 20.62 -6.74 -32.67
CA HIS B 310 19.71 -6.30 -31.62
C HIS B 310 18.63 -5.34 -32.09
N ASP B 311 17.49 -5.42 -31.40
CA ASP B 311 16.33 -4.61 -31.74
C ASP B 311 16.29 -3.33 -30.89
N ASN B 312 17.12 -3.27 -29.85
CA ASN B 312 17.24 -2.04 -29.07
C ASN B 312 18.69 -1.73 -28.76
N ARG B 313 18.91 -0.55 -28.19
CA ARG B 313 20.24 -0.07 -27.81
C ARG B 313 21.20 -1.16 -27.36
N VAL B 314 22.43 -1.10 -27.85
CA VAL B 314 23.49 -1.95 -27.32
C VAL B 314 24.07 -1.22 -26.13
N SER B 315 23.79 -1.72 -24.93
CA SER B 315 24.14 -1.05 -23.69
C SER B 315 25.56 -1.39 -23.27
N CYS B 316 26.08 -2.49 -23.77
CA CYS B 316 27.37 -2.96 -23.32
C CYS B 316 27.97 -3.95 -24.29
N LEU B 317 29.31 -3.99 -24.34
CA LEU B 317 30.01 -5.02 -25.07
C LEU B 317 31.31 -5.39 -24.38
N GLY B 318 31.91 -6.50 -24.84
CA GLY B 318 33.16 -7.03 -24.29
C GLY B 318 33.79 -8.08 -25.19
N VAL B 319 35.11 -7.99 -25.36
CA VAL B 319 35.90 -8.99 -26.10
C VAL B 319 36.56 -9.96 -25.11
N THR B 320 36.67 -11.22 -25.46
CA THR B 320 37.32 -12.20 -24.58
C THR B 320 38.83 -12.00 -24.43
N ASP B 321 39.37 -12.53 -23.35
CA ASP B 321 40.82 -12.50 -23.10
C ASP B 321 41.60 -13.31 -24.13
N ASP B 322 41.01 -14.38 -24.64
CA ASP B 322 41.60 -15.10 -25.77
C ASP B 322 41.22 -14.42 -27.09
N GLY B 323 40.37 -13.40 -27.02
CA GLY B 323 40.08 -12.55 -28.17
C GLY B 323 39.28 -13.22 -29.27
N MET B 324 38.63 -14.34 -28.93
CA MET B 324 37.90 -15.15 -29.91
C MET B 324 36.53 -14.57 -30.29
N ALA B 325 35.95 -13.80 -29.39
CA ALA B 325 34.57 -13.39 -29.56
C ALA B 325 34.22 -12.06 -28.90
N VAL B 326 33.10 -11.54 -29.36
CA VAL B 326 32.56 -10.31 -28.86
C VAL B 326 31.18 -10.58 -28.30
N ALA B 327 31.00 -10.31 -27.02
CA ALA B 327 29.68 -10.30 -26.43
C ALA B 327 29.11 -8.87 -26.51
N THR B 328 27.84 -8.78 -26.85
CA THR B 328 27.12 -7.52 -26.87
C THR B 328 25.83 -7.70 -26.09
N GLY B 329 25.58 -6.80 -25.14
CA GLY B 329 24.34 -6.79 -24.38
C GLY B 329 23.45 -5.62 -24.77
N SER B 330 22.15 -5.76 -24.56
CA SER B 330 21.19 -4.83 -25.14
C SER B 330 19.90 -4.61 -24.34
N TRP B 331 19.28 -3.47 -24.63
CA TRP B 331 17.97 -3.10 -24.11
C TRP B 331 16.86 -4.03 -24.59
N ASP B 332 17.12 -4.82 -25.64
CA ASP B 332 16.15 -5.84 -26.08
C ASP B 332 16.17 -7.12 -25.21
N SER B 333 16.94 -7.07 -24.11
CA SER B 333 16.96 -8.13 -23.09
C SER B 333 17.75 -9.37 -23.52
N PHE B 334 18.51 -9.25 -24.61
CA PHE B 334 19.33 -10.36 -25.13
C PHE B 334 20.81 -10.00 -25.13
N LEU B 335 21.63 -11.02 -24.97
CA LEU B 335 23.07 -10.92 -25.20
C LEU B 335 23.35 -11.75 -26.43
N LYS B 336 24.29 -11.29 -27.24
CA LYS B 336 24.71 -12.04 -28.41
C LYS B 336 26.22 -12.14 -28.47
N ILE B 337 26.70 -13.30 -28.89
CA ILE B 337 28.13 -13.55 -29.04
C ILE B 337 28.48 -13.52 -30.53
N TRP B 338 29.41 -12.65 -30.87
CA TRP B 338 29.76 -12.41 -32.27
C TRP B 338 31.18 -12.88 -32.52
N ASN B 339 31.42 -13.39 -33.72
CA ASN B 339 32.65 -14.08 -34.04
C ASN B 339 32.80 -14.19 -35.54
N THR C 1 31.60 28.50 -4.57
CA THR C 1 32.87 27.80 -4.19
C THR C 1 34.01 28.79 -3.97
N ALA C 2 33.84 29.68 -2.99
CA ALA C 2 34.89 30.62 -2.56
C ALA C 2 35.84 29.96 -1.55
N SER C 3 36.14 28.68 -1.78
CA SER C 3 36.98 27.88 -0.90
C SER C 3 38.45 28.05 -1.26
N ILE C 4 39.20 28.74 -0.40
CA ILE C 4 40.62 28.98 -0.63
C ILE C 4 41.40 27.66 -0.61
N ALA C 5 41.01 26.73 0.23
CA ALA C 5 41.64 25.42 0.26
C ALA C 5 41.42 24.70 -1.06
N GLN C 6 40.20 24.78 -1.57
CA GLN C 6 39.81 24.11 -2.81
C GLN C 6 40.58 24.65 -4.02
N ALA C 7 40.80 25.96 -4.03
CA ALA C 7 41.57 26.61 -5.10
C ALA C 7 43.01 26.11 -5.09
N ARG C 8 43.65 26.18 -3.92
N ARG C 8 43.65 26.18 -3.92
CA ARG C 8 45.01 25.68 -3.74
CA ARG C 8 45.02 25.67 -3.73
C ARG C 8 45.15 24.25 -4.26
C ARG C 8 45.15 24.24 -4.25
N LYS C 9 44.18 23.40 -3.92
CA LYS C 9 44.20 21.99 -4.32
C LYS C 9 44.13 21.81 -5.85
N LEU C 10 43.41 22.69 -6.53
CA LEU C 10 43.32 22.64 -7.99
C LEU C 10 44.63 23.05 -8.61
N VAL C 11 45.15 24.20 -8.21
CA VAL C 11 46.41 24.71 -8.72
C VAL C 11 47.47 23.63 -8.64
N GLU C 12 47.70 23.14 -7.42
CA GLU C 12 48.79 22.19 -7.18
C GLU C 12 48.61 20.91 -7.97
N GLN C 13 47.34 20.59 -8.27
CA GLN C 13 47.02 19.47 -9.16
C GLN C 13 47.45 19.77 -10.59
N LEU C 14 47.12 20.97 -11.06
CA LEU C 14 47.49 21.39 -12.40
C LEU C 14 48.99 21.48 -12.59
N LYS C 15 49.74 21.61 -11.51
CA LYS C 15 51.19 21.46 -11.59
C LYS C 15 51.53 20.02 -11.83
N MET C 16 51.03 19.12 -10.99
CA MET C 16 51.24 17.68 -11.17
C MET C 16 50.95 17.23 -12.59
N GLU C 17 49.92 17.82 -13.20
CA GLU C 17 49.56 17.49 -14.56
C GLU C 17 50.48 18.16 -15.56
N ALA C 18 50.86 19.40 -15.28
CA ALA C 18 51.68 20.19 -16.20
C ALA C 18 53.12 19.70 -16.22
N ASN C 19 53.72 19.59 -15.05
CA ASN C 19 55.12 19.21 -14.98
C ASN C 19 55.30 17.71 -15.13
N ILE C 20 55.10 17.23 -16.35
CA ILE C 20 55.47 15.87 -16.74
C ILE C 20 56.27 15.87 -18.04
N ASP C 21 56.85 14.72 -18.35
CA ASP C 21 57.60 14.54 -19.57
C ASP C 21 56.69 13.90 -20.60
N ARG C 22 56.57 14.55 -21.75
CA ARG C 22 55.72 14.06 -22.82
C ARG C 22 56.56 13.65 -24.01
N ILE C 23 56.12 12.63 -24.73
CA ILE C 23 56.79 12.20 -25.94
C ILE C 23 56.05 12.77 -27.15
N LYS C 24 56.69 12.70 -28.30
CA LYS C 24 56.13 13.27 -29.51
C LYS C 24 55.04 12.33 -30.00
N VAL C 25 54.00 12.90 -30.58
CA VAL C 25 52.86 12.10 -31.05
C VAL C 25 53.33 11.03 -32.05
N SER C 26 54.27 11.40 -32.90
CA SER C 26 54.81 10.47 -33.89
C SER C 26 55.47 9.24 -33.27
N LYS C 27 56.08 9.41 -32.09
CA LYS C 27 56.74 8.31 -31.37
C LYS C 27 55.67 7.47 -30.72
N ALA C 28 54.66 8.14 -30.18
CA ALA C 28 53.56 7.47 -29.54
C ALA C 28 52.82 6.58 -30.53
N ALA C 29 52.46 7.16 -31.67
CA ALA C 29 51.71 6.47 -32.70
C ALA C 29 52.48 5.30 -33.28
N ALA C 30 53.76 5.51 -33.54
CA ALA C 30 54.64 4.47 -34.06
C ALA C 30 54.68 3.26 -33.11
N ASP C 31 54.69 3.53 -31.81
CA ASP C 31 54.72 2.45 -30.83
C ASP C 31 53.40 1.70 -30.83
N LEU C 32 52.30 2.42 -30.99
CA LEU C 32 51.00 1.78 -31.06
C LEU C 32 50.92 0.86 -32.26
N MET C 33 51.29 1.41 -33.41
CA MET C 33 51.26 0.67 -34.66
C MET C 33 52.18 -0.54 -34.59
N ALA C 34 53.34 -0.36 -33.97
CA ALA C 34 54.29 -1.46 -33.78
C ALA C 34 53.69 -2.57 -32.89
N TYR C 35 52.83 -2.19 -31.96
CA TYR C 35 52.13 -3.18 -31.15
C TYR C 35 51.12 -3.97 -31.99
N CYS C 36 50.32 -3.26 -32.77
CA CYS C 36 49.25 -3.88 -33.55
C CYS C 36 49.79 -4.84 -34.60
N GLU C 37 50.96 -4.52 -35.14
CA GLU C 37 51.64 -5.39 -36.10
C GLU C 37 52.29 -6.59 -35.42
N ALA C 38 52.77 -6.40 -34.20
CA ALA C 38 53.40 -7.47 -33.44
C ALA C 38 52.39 -8.55 -33.04
N HIS C 39 51.22 -8.13 -32.57
CA HIS C 39 50.21 -9.05 -32.03
C HIS C 39 49.04 -9.34 -33.00
N ALA C 40 49.16 -8.92 -34.26
CA ALA C 40 48.13 -9.19 -35.27
C ALA C 40 47.89 -10.69 -35.50
N LYS C 41 48.92 -11.50 -35.30
CA LYS C 41 48.81 -12.95 -35.48
C LYS C 41 48.15 -13.61 -34.29
N GLU C 42 47.95 -12.86 -33.20
CA GLU C 42 47.32 -13.38 -32.00
C GLU C 42 45.97 -12.70 -31.75
N ASP C 43 45.21 -12.46 -32.80
CA ASP C 43 43.91 -11.76 -32.69
C ASP C 43 42.89 -12.33 -33.68
N PRO C 44 42.08 -13.31 -33.22
CA PRO C 44 41.09 -14.04 -34.03
C PRO C 44 40.07 -13.18 -34.77
N LEU C 45 39.78 -12.01 -34.25
CA LEU C 45 38.84 -11.12 -34.90
C LEU C 45 39.50 -10.42 -36.08
N LEU C 46 40.83 -10.41 -36.08
CA LEU C 46 41.62 -9.78 -37.13
C LEU C 46 42.00 -10.75 -38.24
N THR C 47 42.15 -12.03 -37.89
CA THR C 47 42.67 -13.05 -38.82
C THR C 47 41.82 -14.33 -38.81
N PRO C 48 41.76 -15.03 -39.97
CA PRO C 48 40.88 -16.19 -40.07
C PRO C 48 41.39 -17.38 -39.25
N VAL C 49 40.62 -17.81 -38.25
CA VAL C 49 40.91 -19.05 -37.52
C VAL C 49 39.93 -20.16 -37.92
N PRO C 50 40.45 -21.37 -38.22
CA PRO C 50 39.57 -22.49 -38.59
C PRO C 50 38.57 -22.87 -37.51
N ALA C 51 37.48 -23.51 -37.92
CA ALA C 51 36.44 -23.98 -36.99
C ALA C 51 37.02 -24.85 -35.87
N SER C 52 38.03 -25.65 -36.19
CA SER C 52 38.72 -26.49 -35.21
C SER C 52 39.25 -25.68 -34.02
N GLU C 53 39.89 -24.55 -34.33
CA GLU C 53 40.35 -23.63 -33.30
C GLU C 53 39.16 -22.90 -32.65
N ASN C 54 38.27 -22.36 -33.47
CA ASN C 54 37.14 -21.55 -33.00
C ASN C 54 36.15 -22.35 -32.18
N PRO C 55 35.95 -21.99 -30.90
CA PRO C 55 35.03 -22.75 -30.04
C PRO C 55 33.59 -22.24 -30.12
N PHE C 56 33.06 -22.06 -31.32
CA PHE C 56 31.72 -21.49 -31.49
C PHE C 56 30.97 -21.99 -32.73
N ARG C 57 31.68 -22.19 -33.84
CA ARG C 57 31.06 -22.58 -35.12
C ARG C 57 30.34 -23.95 -35.12
N GLU C 58 31.09 -25.03 -34.96
CA GLU C 58 30.52 -26.38 -35.13
C GLU C 58 30.66 -27.27 -33.89
N LYS C 59 29.87 -26.96 -32.86
CA LYS C 59 29.86 -27.74 -31.62
C LYS C 59 28.43 -28.18 -31.29
C1 GOL D . 7.34 3.71 -0.44
O1 GOL D . 6.78 2.64 -1.26
C2 GOL D . 6.89 5.10 -0.97
O2 GOL D . 5.73 5.59 -0.24
C3 GOL D . 8.06 6.13 -0.93
O3 GOL D . 7.68 7.37 -1.63
F21 29X E . -42.16 1.06 4.59
C4 29X E . -42.84 0.99 5.74
C5 29X E . -42.92 2.12 6.55
C6 29X E . -43.62 2.05 7.76
C3 29X E . -43.46 -0.20 6.15
C2 29X E . -44.17 -0.26 7.35
C1 29X E . -44.26 0.88 8.17
C7 29X E . -45.01 0.82 9.45
C8 29X E . -46.23 1.73 9.39
C9 29X E . -47.00 1.82 10.70
N10 29X E . -46.09 2.04 11.81
C11 29X E . -44.90 1.21 11.94
C12 29X E . -44.11 1.19 10.63
C13 29X E . -42.92 0.25 10.77
O14 29X E . -43.26 -1.11 10.44
C15 29X E . -42.39 -2.13 10.77
C16 29X E . -41.03 -1.88 10.97
C20 29X E . -42.88 -3.43 10.90
C19 29X E . -42.03 -4.49 11.23
C18 29X E . -40.70 -4.21 11.44
C22 29X E . -39.48 -4.98 11.81
O25 29X E . -39.43 -6.24 12.04
C17 29X E . -40.20 -2.93 11.32
C24 29X E . -38.77 -2.83 11.57
N23 29X E . -38.38 -4.21 11.89
#